data_7XGE
#
_entry.id   7XGE
#
_cell.length_a   67.990
_cell.length_b   74.770
_cell.length_c   92.160
_cell.angle_alpha   70.830
_cell.angle_beta   89.590
_cell.angle_gamma   67.580
#
_symmetry.space_group_name_H-M   'P 1'
#
loop_
_entity.id
_entity.type
_entity.pdbx_description
1 polymer 'BCL-xL and MCL-1 dual binder 2'
2 polymer 'Induced myeloid leukemia cell differentiation protein Mcl-1'
3 water water
#
loop_
_entity_poly.entity_id
_entity_poly.type
_entity_poly.pdbx_seq_one_letter_code
_entity_poly.pdbx_strand_id
1 'polypeptide(L)'
;MDAKKVAKKAAIQAARRITELAQVLVELLKEALKLDLTQEMRKKLIERYAAAIIRAIGDINNAIYQAKQEAEKLKKAGLV
DSDQLDALLRALDELQKVASKAANQLGRLFEEALKRLDKDNGGEEEKDRTAKWFEFEARAIEIALRLAAIGDVFDLEKEW
RKLKSRGKL
;
A,C,E,G
2 'polypeptide(L)'
;MDELYRQSLEIISRYLREQATGAKDTKPMGRSGATSRKALETLRRVGDGVQRNHETAFQGMLRKLDIKNEDDVKSLSRVM
IHVFSDGVTNWGRIVTLISFGAFVAKHLKTINQESCIEPLAESITDVLVRTKRDWLVKQRGWDGFVEFFHVSRGKL
;
B,D,F,H
#
# COMPACT_ATOMS: atom_id res chain seq x y z
N ASP A 2 27.25 7.99 7.51
CA ASP A 2 27.03 7.76 8.94
C ASP A 2 27.03 6.27 9.26
N ALA A 3 27.55 5.92 10.43
CA ALA A 3 27.55 4.53 10.91
C ALA A 3 26.32 4.18 11.74
N LYS A 4 25.53 5.16 12.15
CA LYS A 4 24.30 4.82 12.85
C LYS A 4 23.21 4.35 11.90
N LYS A 5 23.49 4.35 10.59
CA LYS A 5 22.60 3.66 9.66
C LYS A 5 22.66 2.15 9.86
N VAL A 6 23.80 1.62 10.33
CA VAL A 6 23.87 0.19 10.65
C VAL A 6 22.86 -0.14 11.76
N ALA A 7 22.79 0.71 12.79
CA ALA A 7 21.86 0.46 13.88
C ALA A 7 20.43 0.70 13.45
N LYS A 8 20.19 1.76 12.67
CA LYS A 8 18.84 2.03 12.19
C LYS A 8 18.32 0.89 11.33
N LYS A 9 19.15 0.38 10.43
CA LYS A 9 18.74 -0.75 9.59
C LYS A 9 18.36 -1.95 10.43
N ALA A 10 19.19 -2.28 11.43
CA ALA A 10 18.89 -3.42 12.30
C ALA A 10 17.62 -3.16 13.11
N ALA A 11 17.39 -1.91 13.50
CA ALA A 11 16.17 -1.59 14.25
C ALA A 11 14.94 -1.82 13.40
N ILE A 12 14.98 -1.41 12.14
CA ILE A 12 13.84 -1.61 11.25
C ILE A 12 13.62 -3.09 10.97
N GLN A 13 14.71 -3.84 10.76
CA GLN A 13 14.59 -5.26 10.46
C GLN A 13 14.03 -6.02 11.66
N ALA A 14 14.49 -5.70 12.87
CA ALA A 14 13.97 -6.39 14.04
C ALA A 14 12.48 -6.12 14.21
N ALA A 15 12.04 -4.88 13.99
CA ALA A 15 10.63 -4.56 14.09
C ALA A 15 9.82 -5.23 12.98
N ARG A 16 10.39 -5.38 11.79
CA ARG A 16 9.65 -6.03 10.71
C ARG A 16 9.46 -7.51 11.00
N ARG A 17 10.52 -8.19 11.47
CA ARG A 17 10.41 -9.60 11.78
C ARG A 17 9.37 -9.86 12.87
N ILE A 18 9.33 -8.99 13.88
CA ILE A 18 8.34 -9.13 14.94
C ILE A 18 6.95 -8.81 14.42
N THR A 19 6.84 -7.79 13.57
CA THR A 19 5.55 -7.48 12.96
C THR A 19 5.05 -8.60 12.07
N GLU A 20 5.96 -9.24 11.32
CA GLU A 20 5.56 -10.34 10.46
C GLU A 20 5.15 -11.56 11.28
N LEU A 21 5.84 -11.79 12.40
CA LEU A 21 5.47 -12.87 13.29
C LEU A 21 4.09 -12.64 13.88
N ALA A 22 3.80 -11.41 14.32
CA ALA A 22 2.48 -11.11 14.84
C ALA A 22 1.41 -11.34 13.79
N GLN A 23 1.69 -10.95 12.54
CA GLN A 23 0.72 -11.15 11.47
C GLN A 23 0.54 -12.62 11.14
N VAL A 24 1.63 -13.41 11.19
CA VAL A 24 1.50 -14.83 10.90
C VAL A 24 0.67 -15.53 11.97
N LEU A 25 0.90 -15.20 13.24
CA LEU A 25 0.14 -15.80 14.33
C LEU A 25 -1.33 -15.40 14.30
N VAL A 26 -1.64 -14.17 13.88
CA VAL A 26 -3.03 -13.75 13.78
C VAL A 26 -3.75 -14.55 12.70
N GLU A 27 -3.12 -14.69 11.53
CA GLU A 27 -3.77 -15.41 10.44
C GLU A 27 -3.89 -16.91 10.74
N LEU A 28 -2.93 -17.47 11.49
CA LEU A 28 -3.05 -18.87 11.87
C LEU A 28 -4.21 -19.08 12.83
N LEU A 29 -4.42 -18.14 13.75
CA LEU A 29 -5.54 -18.26 14.68
C LEU A 29 -6.87 -18.10 13.95
N LYS A 30 -6.95 -17.13 13.04
CA LYS A 30 -8.18 -16.92 12.28
C LYS A 30 -8.46 -18.07 11.32
N GLU A 31 -7.43 -18.71 10.79
CA GLU A 31 -7.67 -19.87 9.93
C GLU A 31 -8.19 -21.03 10.77
N ALA A 32 -7.70 -21.17 12.00
CA ALA A 32 -8.16 -22.23 12.88
C ALA A 32 -9.52 -21.92 13.50
N LEU A 33 -9.97 -20.66 13.46
CA LEU A 33 -11.25 -20.26 14.03
C LEU A 33 -12.39 -20.43 13.04
N LYS A 34 -12.16 -20.08 11.77
CA LYS A 34 -13.13 -20.38 10.72
C LYS A 34 -13.22 -21.88 10.44
N LEU A 35 -12.18 -22.64 10.79
CA LEU A 35 -12.13 -24.07 10.52
C LEU A 35 -12.80 -24.89 11.63
N ASP A 36 -13.14 -26.13 11.31
CA ASP A 36 -13.52 -27.16 12.28
C ASP A 36 -12.36 -28.11 12.50
N LEU A 37 -11.88 -28.16 13.75
CA LEU A 37 -10.59 -28.74 14.04
C LEU A 37 -10.71 -30.18 14.45
N THR A 38 -9.82 -30.99 13.90
CA THR A 38 -9.54 -32.33 14.37
C THR A 38 -8.24 -32.30 15.16
N GLN A 39 -7.80 -33.46 15.60
CA GLN A 39 -6.58 -33.55 16.37
C GLN A 39 -5.36 -33.38 15.47
N GLU A 40 -5.48 -33.80 14.21
CA GLU A 40 -4.40 -33.68 13.23
C GLU A 40 -4.27 -32.24 12.74
N MET A 41 -5.39 -31.60 12.45
CA MET A 41 -5.37 -30.19 12.04
C MET A 41 -4.78 -29.32 13.14
N ARG A 42 -5.12 -29.62 14.39
CA ARG A 42 -4.57 -28.85 15.48
C ARG A 42 -3.06 -29.02 15.57
N LYS A 43 -2.55 -30.23 15.30
CA LYS A 43 -1.11 -30.46 15.40
C LYS A 43 -0.36 -29.86 14.22
N LYS A 44 -0.98 -29.79 13.04
CA LYS A 44 -0.38 -29.04 11.93
C LYS A 44 -0.30 -27.57 12.27
N LEU A 45 -1.33 -27.02 12.92
CA LEU A 45 -1.30 -25.63 13.35
C LEU A 45 -0.20 -25.40 14.38
N ILE A 46 0.03 -26.38 15.27
CA ILE A 46 1.09 -26.25 16.27
C ILE A 46 2.45 -26.22 15.61
N GLU A 47 2.65 -27.08 14.61
CA GLU A 47 3.94 -27.08 13.91
C GLU A 47 4.16 -25.78 13.15
N ARG A 48 3.09 -25.19 12.62
CA ARG A 48 3.22 -23.92 11.89
C ARG A 48 3.46 -22.77 12.84
N TYR A 49 2.88 -22.82 14.05
CA TYR A 49 3.17 -21.79 15.06
C TYR A 49 4.62 -21.87 15.51
N ALA A 50 5.12 -23.09 15.77
CA ALA A 50 6.50 -23.22 16.21
C ALA A 50 7.46 -22.78 15.11
N ALA A 51 7.12 -23.06 13.85
CA ALA A 51 7.97 -22.61 12.76
C ALA A 51 8.01 -21.09 12.67
N ALA A 52 6.86 -20.43 12.88
CA ALA A 52 6.83 -18.98 12.87
C ALA A 52 7.72 -18.41 13.97
N ILE A 53 7.70 -19.01 15.16
CA ILE A 53 8.57 -18.54 16.24
C ILE A 53 10.03 -18.75 15.88
N ILE A 54 10.37 -19.94 15.38
CA ILE A 54 11.76 -20.24 15.05
C ILE A 54 12.24 -19.32 13.93
N ARG A 55 11.39 -19.08 12.94
CA ARG A 55 11.75 -18.20 11.84
C ARG A 55 12.02 -16.78 12.32
N ALA A 56 11.15 -16.25 13.19
CA ALA A 56 11.34 -14.91 13.73
C ALA A 56 12.64 -14.83 14.52
N ILE A 57 12.88 -15.78 15.41
CA ILE A 57 14.11 -15.78 16.21
C ILE A 57 15.32 -15.91 15.30
N GLY A 58 15.26 -16.81 14.32
CA GLY A 58 16.40 -16.99 13.44
C GLY A 58 16.70 -15.76 12.60
N ASP A 59 15.65 -15.06 12.16
CA ASP A 59 15.83 -13.88 11.31
C ASP A 59 16.28 -12.67 12.11
N ILE A 60 15.84 -12.56 13.38
CA ILE A 60 16.35 -11.51 14.25
C ILE A 60 17.83 -11.74 14.53
N ASN A 61 18.18 -12.98 14.86
CA ASN A 61 19.57 -13.34 15.09
C ASN A 61 20.43 -13.02 13.86
N ASN A 62 19.94 -13.37 12.68
CA ASN A 62 20.69 -13.12 11.46
C ASN A 62 20.90 -11.62 11.24
N ALA A 63 19.87 -10.81 11.49
CA ALA A 63 20.00 -9.38 11.24
C ALA A 63 20.99 -8.75 12.20
N ILE A 64 20.98 -9.17 13.47
CA ILE A 64 21.90 -8.61 14.45
C ILE A 64 23.34 -8.99 14.11
N TYR A 65 23.57 -10.25 13.73
CA TYR A 65 24.91 -10.65 13.35
C TYR A 65 25.33 -10.02 12.04
N GLN A 66 24.38 -9.82 11.12
CA GLN A 66 24.68 -9.08 9.89
C GLN A 66 25.00 -7.62 10.21
N ALA A 67 24.34 -7.06 11.22
CA ALA A 67 24.63 -5.69 11.61
C ALA A 67 26.01 -5.60 12.24
N LYS A 68 26.40 -6.60 13.03
CA LYS A 68 27.72 -6.58 13.63
C LYS A 68 28.83 -6.75 12.60
N GLN A 69 28.55 -7.44 11.48
CA GLN A 69 29.58 -7.57 10.46
C GLN A 69 29.82 -6.24 9.76
N GLU A 70 28.76 -5.46 9.54
CA GLU A 70 28.90 -4.17 8.89
C GLU A 70 29.61 -3.19 9.80
N ALA A 71 29.42 -3.31 11.11
CA ALA A 71 30.12 -2.45 12.05
C ALA A 71 31.60 -2.77 12.09
N GLU A 72 31.95 -4.06 12.02
CA GLU A 72 33.36 -4.45 12.10
C GLU A 72 34.12 -4.00 10.86
N LYS A 73 33.48 -4.16 9.70
CA LYS A 73 33.78 -3.56 8.40
C LYS A 73 34.11 -2.09 8.48
N LEU A 74 33.30 -1.36 9.25
CA LEU A 74 33.49 0.07 9.35
C LEU A 74 34.69 0.40 10.22
N LYS A 75 34.97 -0.43 11.22
CA LYS A 75 36.14 -0.23 12.04
C LYS A 75 37.42 -0.48 11.25
N LYS A 76 37.45 -1.57 10.48
CA LYS A 76 38.61 -1.86 9.65
C LYS A 76 38.75 -0.93 8.46
N ALA A 77 37.68 -0.23 8.08
CA ALA A 77 37.75 0.76 7.01
C ALA A 77 38.08 2.16 7.53
N GLY A 78 38.26 2.31 8.83
CA GLY A 78 38.57 3.60 9.42
C GLY A 78 37.43 4.58 9.47
N LEU A 79 36.19 4.13 9.24
CA LEU A 79 35.02 5.00 9.28
C LEU A 79 34.41 5.10 10.67
N VAL A 80 34.96 4.37 11.65
CA VAL A 80 34.59 4.49 13.06
C VAL A 80 35.82 4.08 13.86
N ASP A 81 35.94 4.63 15.06
CA ASP A 81 37.04 4.28 15.96
C ASP A 81 36.57 3.23 16.96
N SER A 82 37.46 2.84 17.86
CA SER A 82 37.16 1.74 18.78
C SER A 82 36.02 2.10 19.73
N ASP A 83 35.96 3.36 20.19
CA ASP A 83 34.91 3.75 21.12
C ASP A 83 33.56 3.86 20.43
N GLN A 84 33.55 4.31 19.17
CA GLN A 84 32.30 4.37 18.43
C GLN A 84 31.80 2.97 18.08
N LEU A 85 32.72 2.05 17.78
CA LEU A 85 32.32 0.70 17.44
C LEU A 85 31.76 -0.02 18.66
N ASP A 86 32.31 0.22 19.84
CA ASP A 86 31.79 -0.43 21.04
C ASP A 86 30.45 0.14 21.45
N ALA A 87 30.15 1.39 21.05
CA ALA A 87 28.82 1.93 21.28
C ALA A 87 27.83 1.36 20.28
N LEU A 88 28.28 1.13 19.04
CA LEU A 88 27.42 0.54 18.04
C LEU A 88 27.12 -0.92 18.35
N LEU A 89 28.13 -1.66 18.82
CA LEU A 89 27.90 -3.06 19.15
C LEU A 89 27.00 -3.19 20.37
N ARG A 90 27.10 -2.28 21.33
CA ARG A 90 26.25 -2.35 22.51
C ARG A 90 24.81 -1.96 22.16
N ALA A 91 24.61 -1.07 21.19
CA ALA A 91 23.25 -0.76 20.77
C ALA A 91 22.63 -1.93 20.03
N LEU A 92 23.44 -2.67 19.26
CA LEU A 92 22.92 -3.85 18.60
C LEU A 92 22.60 -4.96 19.59
N ASP A 93 23.32 -5.00 20.72
CA ASP A 93 23.01 -5.99 21.74
C ASP A 93 21.70 -5.65 22.46
N GLU A 94 21.41 -4.35 22.62
CA GLU A 94 20.15 -3.95 23.25
C GLU A 94 18.98 -4.16 22.31
N LEU A 95 19.17 -3.99 21.01
CA LEU A 95 18.14 -4.36 20.03
C LEU A 95 17.85 -5.86 20.10
N GLN A 96 18.90 -6.68 20.17
CA GLN A 96 18.72 -8.13 20.23
C GLN A 96 17.88 -8.53 21.43
N LYS A 97 18.07 -7.88 22.58
CA LYS A 97 17.33 -8.29 23.76
C LYS A 97 15.87 -7.87 23.70
N VAL A 98 15.57 -6.64 23.29
CA VAL A 98 14.17 -6.23 23.20
C VAL A 98 13.47 -7.03 22.10
N ALA A 99 14.18 -7.38 21.03
CA ALA A 99 13.56 -8.20 19.98
C ALA A 99 13.35 -9.64 20.46
N SER A 100 14.26 -10.16 21.27
CA SER A 100 14.06 -11.49 21.83
C SER A 100 12.88 -11.51 22.79
N LYS A 101 12.73 -10.48 23.61
CA LYS A 101 11.60 -10.42 24.55
C LYS A 101 10.27 -10.40 23.81
N ALA A 102 10.21 -9.67 22.69
CA ALA A 102 8.97 -9.61 21.92
C ALA A 102 8.63 -10.97 21.33
N ALA A 103 9.65 -11.70 20.86
CA ALA A 103 9.37 -13.04 20.32
C ALA A 103 8.89 -13.98 21.42
N ASN A 104 9.50 -13.89 22.61
CA ASN A 104 9.04 -14.70 23.73
C ASN A 104 7.61 -14.35 24.12
N GLN A 105 7.27 -13.05 24.06
CA GLN A 105 5.93 -12.64 24.48
C GLN A 105 4.87 -13.09 23.47
N LEU A 106 5.22 -13.12 22.19
CA LEU A 106 4.26 -13.59 21.18
C LEU A 106 4.07 -15.11 21.27
N GLY A 107 5.14 -15.84 21.57
CA GLY A 107 4.98 -17.27 21.78
C GLY A 107 4.15 -17.58 22.99
N ARG A 108 4.38 -16.85 24.09
CA ARG A 108 3.54 -17.01 25.27
C ARG A 108 2.12 -16.53 25.00
N LEU A 109 1.97 -15.52 24.13
CA LEU A 109 0.64 -15.04 23.80
C LEU A 109 -0.13 -16.05 22.95
N PHE A 110 0.55 -16.69 22.00
CA PHE A 110 -0.12 -17.68 21.18
C PHE A 110 -0.50 -18.89 22.00
N GLU A 111 0.29 -19.23 23.03
CA GLU A 111 -0.04 -20.33 23.91
C GLU A 111 -1.39 -20.10 24.60
N GLU A 112 -1.59 -18.88 25.14
CA GLU A 112 -2.87 -18.56 25.74
C GLU A 112 -4.00 -18.58 24.71
N ALA A 113 -3.70 -18.25 23.45
CA ALA A 113 -4.72 -18.32 22.42
C ALA A 113 -5.11 -19.76 22.12
N LEU A 114 -4.14 -20.67 22.12
CA LEU A 114 -4.44 -22.09 21.93
C LEU A 114 -5.33 -22.64 23.03
N LYS A 115 -5.20 -22.10 24.24
CA LYS A 115 -6.05 -22.54 25.33
C LYS A 115 -7.48 -22.06 25.14
N ARG A 116 -7.67 -20.93 24.46
CA ARG A 116 -9.01 -20.44 24.19
C ARG A 116 -9.63 -21.15 22.99
N LEU A 117 -8.84 -21.46 21.97
CA LEU A 117 -9.34 -22.25 20.84
C LEU A 117 -9.71 -23.67 21.24
N ASP A 118 -9.19 -24.15 22.38
CA ASP A 118 -9.54 -25.46 22.90
C ASP A 118 -10.74 -25.36 23.85
N LYS A 119 -10.66 -24.47 24.85
CA LYS A 119 -11.63 -24.50 25.95
C LYS A 119 -12.90 -23.71 25.66
N ASP A 120 -12.78 -22.37 25.57
CA ASP A 120 -14.00 -21.57 25.43
C ASP A 120 -14.62 -21.70 24.05
N ASN A 121 -13.82 -21.99 23.01
CA ASN A 121 -14.29 -22.06 21.63
C ASN A 121 -15.61 -22.80 21.53
N GLY A 122 -16.53 -22.22 20.75
CA GLY A 122 -17.88 -22.72 20.66
C GLY A 122 -18.88 -21.58 20.65
N GLY A 123 -19.23 -21.09 19.46
CA GLY A 123 -20.07 -19.90 19.35
C GLY A 123 -19.27 -18.84 18.67
N GLU A 124 -19.87 -18.25 17.62
CA GLU A 124 -19.16 -17.28 16.79
C GLU A 124 -18.76 -16.02 17.55
N GLU A 125 -19.44 -15.71 18.66
CA GLU A 125 -19.17 -14.48 19.38
C GLU A 125 -17.91 -14.54 20.22
N GLU A 126 -17.70 -15.64 20.94
CA GLU A 126 -16.44 -15.80 21.67
C GLU A 126 -15.29 -16.02 20.71
N LYS A 127 -15.57 -16.67 19.58
CA LYS A 127 -14.61 -16.76 18.48
C LYS A 127 -14.04 -15.40 18.12
N ASP A 128 -14.93 -14.44 17.85
CA ASP A 128 -14.51 -13.11 17.44
C ASP A 128 -13.87 -12.31 18.56
N ARG A 129 -14.15 -12.61 19.83
CA ARG A 129 -13.52 -11.85 20.90
C ARG A 129 -12.10 -12.35 21.19
N THR A 130 -11.92 -13.66 21.28
CA THR A 130 -10.57 -14.23 21.16
C THR A 130 -9.78 -13.70 19.96
N ALA A 131 -10.41 -13.51 18.80
CA ALA A 131 -9.64 -13.01 17.68
C ALA A 131 -9.16 -11.60 17.95
N LYS A 132 -10.05 -10.73 18.46
CA LYS A 132 -9.64 -9.36 18.71
C LYS A 132 -8.78 -9.23 19.96
N TRP A 133 -8.99 -10.11 20.96
CA TRP A 133 -8.09 -10.12 22.11
C TRP A 133 -6.66 -10.38 21.68
N PHE A 134 -6.45 -11.42 20.88
CA PHE A 134 -5.12 -11.74 20.37
C PHE A 134 -4.58 -10.63 19.47
N GLU A 135 -5.43 -10.08 18.60
CA GLU A 135 -5.01 -9.03 17.70
C GLU A 135 -4.50 -7.83 18.49
N PHE A 136 -5.22 -7.46 19.55
CA PHE A 136 -4.84 -6.31 20.38
C PHE A 136 -3.54 -6.57 21.14
N GLU A 137 -3.45 -7.73 21.80
CA GLU A 137 -2.27 -8.03 22.60
C GLU A 137 -1.03 -8.26 21.74
N ALA A 138 -1.20 -8.77 20.52
CA ALA A 138 -0.06 -9.00 19.65
C ALA A 138 0.49 -7.67 19.13
N ARG A 139 -0.40 -6.73 18.77
CA ARG A 139 0.06 -5.43 18.32
C ARG A 139 0.68 -4.64 19.47
N ALA A 140 0.18 -4.84 20.69
CA ALA A 140 0.79 -4.19 21.85
C ALA A 140 2.24 -4.63 21.99
N ILE A 141 2.50 -5.92 21.82
CA ILE A 141 3.87 -6.42 21.86
C ILE A 141 4.71 -5.77 20.76
N GLU A 142 4.14 -5.66 19.56
CA GLU A 142 4.90 -5.13 18.43
C GLU A 142 5.22 -3.66 18.59
N ILE A 143 4.26 -2.84 19.05
CA ILE A 143 4.55 -1.42 19.19
C ILE A 143 5.51 -1.17 20.35
N ALA A 144 5.42 -1.96 21.41
CA ALA A 144 6.38 -1.80 22.50
C ALA A 144 7.79 -2.09 22.01
N LEU A 145 7.95 -3.04 21.09
CA LEU A 145 9.26 -3.30 20.51
C LEU A 145 9.69 -2.15 19.60
N ARG A 146 8.77 -1.65 18.77
CA ARG A 146 9.09 -0.51 17.92
C ARG A 146 9.58 0.67 18.74
N LEU A 147 8.88 1.00 19.83
CA LEU A 147 9.28 2.13 20.66
C LEU A 147 10.59 1.86 21.39
N ALA A 148 10.80 0.63 21.86
CA ALA A 148 12.07 0.31 22.52
C ALA A 148 13.22 0.32 21.53
N ALA A 149 12.96 -0.03 20.26
CA ALA A 149 14.01 -0.01 19.25
C ALA A 149 14.38 1.41 18.85
N ILE A 150 13.39 2.30 18.75
CA ILE A 150 13.69 3.71 18.48
C ILE A 150 14.46 4.32 19.64
N GLY A 151 14.11 3.92 20.87
CA GLY A 151 14.84 4.41 22.04
C GLY A 151 16.27 3.93 22.09
N ASP A 152 16.55 2.72 21.59
CA ASP A 152 17.92 2.23 21.59
C ASP A 152 18.79 2.97 20.60
N VAL A 153 18.23 3.41 19.47
CA VAL A 153 18.97 4.23 18.52
C VAL A 153 19.18 5.63 19.09
N PHE A 154 18.15 6.18 19.75
CA PHE A 154 18.29 7.45 20.44
C PHE A 154 19.37 7.40 21.51
N ASP A 155 19.52 6.24 22.17
CA ASP A 155 20.60 6.10 23.13
C ASP A 155 21.96 6.02 22.45
N LEU A 156 22.02 5.46 21.25
CA LEU A 156 23.29 5.39 20.54
C LEU A 156 23.72 6.75 20.02
N GLU A 157 22.77 7.53 19.52
CA GLU A 157 23.10 8.85 18.97
C GLU A 157 23.54 9.82 20.07
N LYS A 158 23.08 9.61 21.30
CA LYS A 158 23.55 10.47 22.38
C LYS A 158 24.91 10.03 22.90
N GLU A 159 25.17 8.72 22.94
CA GLU A 159 26.50 8.27 23.31
C GLU A 159 27.52 8.53 22.21
N TRP A 160 27.05 8.81 20.98
CA TRP A 160 27.98 9.26 19.94
C TRP A 160 28.35 10.72 20.12
N ARG A 161 27.43 11.54 20.62
CA ARG A 161 27.74 12.94 20.87
C ARG A 161 28.53 13.14 22.16
N LYS A 162 28.47 12.18 23.08
CA LYS A 162 29.29 12.26 24.28
C LYS A 162 30.73 11.88 23.98
N LEU A 163 30.95 10.97 23.03
CA LEU A 163 32.32 10.61 22.68
C LEU A 163 33.01 11.74 21.93
N LYS A 164 32.29 12.46 21.08
CA LYS A 164 32.87 13.64 20.44
C LYS A 164 33.11 14.75 21.46
N SER A 165 32.25 14.86 22.47
CA SER A 165 32.43 15.88 23.50
C SER A 165 33.59 15.58 24.44
N ARG A 166 34.07 14.34 24.46
CA ARG A 166 35.25 14.04 25.27
C ARG A 166 36.48 14.76 24.75
N GLY A 167 36.49 15.08 23.45
CA GLY A 167 37.73 15.52 22.85
C GLY A 167 38.76 14.42 22.90
N LYS A 168 40.01 14.80 23.16
CA LYS A 168 41.11 13.85 23.28
C LYS A 168 41.60 13.70 24.72
N LEU A 169 40.73 13.97 25.68
CA LEU A 169 41.09 13.92 27.09
C LEU A 169 40.85 12.53 27.69
N ASP B 2 28.57 -39.28 1.71
CA ASP B 2 28.66 -37.86 1.38
C ASP B 2 29.35 -37.06 2.48
N GLU B 3 30.40 -36.33 2.09
CA GLU B 3 31.21 -35.62 3.08
C GLU B 3 30.40 -34.53 3.79
N LEU B 4 29.56 -33.81 3.05
CA LEU B 4 28.77 -32.75 3.67
C LEU B 4 27.80 -33.31 4.69
N TYR B 5 27.12 -34.42 4.36
CA TYR B 5 26.21 -35.05 5.32
C TYR B 5 26.97 -35.58 6.54
N ARG B 6 28.13 -36.22 6.31
CA ARG B 6 28.90 -36.77 7.41
C ARG B 6 29.31 -35.68 8.40
N GLN B 7 29.89 -34.60 7.90
CA GLN B 7 30.35 -33.52 8.77
C GLN B 7 29.20 -32.84 9.48
N SER B 8 28.10 -32.58 8.76
CA SER B 8 26.94 -31.94 9.39
C SER B 8 26.35 -32.82 10.48
N LEU B 9 26.18 -34.11 10.20
CA LEU B 9 25.63 -34.99 11.22
C LEU B 9 26.55 -35.08 12.42
N GLU B 10 27.86 -35.13 12.19
CA GLU B 10 28.79 -35.21 13.30
C GLU B 10 28.73 -33.98 14.19
N ILE B 11 28.65 -32.79 13.59
CA ILE B 11 28.55 -31.57 14.39
C ILE B 11 27.23 -31.54 15.14
N ILE B 12 26.13 -31.83 14.44
CA ILE B 12 24.81 -31.76 15.06
C ILE B 12 24.61 -32.91 16.05
N SER B 13 25.05 -34.12 15.69
CA SER B 13 24.99 -35.25 16.62
C SER B 13 25.72 -34.91 17.91
N ARG B 14 26.94 -34.36 17.80
CA ARG B 14 27.72 -34.11 19.00
C ARG B 14 27.12 -32.97 19.84
N TYR B 15 26.61 -31.93 19.18
CA TYR B 15 26.02 -30.83 19.94
C TYR B 15 24.76 -31.26 20.67
N LEU B 16 23.92 -32.04 20.00
CA LEU B 16 22.70 -32.51 20.66
C LEU B 16 23.04 -33.46 21.79
N ARG B 17 24.08 -34.28 21.60
CA ARG B 17 24.50 -35.20 22.65
C ARG B 17 25.14 -34.48 23.85
N GLU B 18 25.90 -33.38 23.61
CA GLU B 18 26.44 -32.67 24.78
C GLU B 18 25.33 -32.04 25.61
N GLN B 19 24.30 -31.52 24.95
CA GLN B 19 23.27 -30.78 25.67
C GLN B 19 22.38 -31.71 26.48
N ALA B 20 22.10 -32.90 25.95
CA ALA B 20 21.26 -33.85 26.68
C ALA B 20 22.04 -34.54 27.80
N THR B 21 23.20 -35.13 27.48
CA THR B 21 23.95 -35.87 28.50
C THR B 21 24.66 -34.93 29.47
N GLY B 22 25.47 -34.02 28.93
CA GLY B 22 26.28 -33.10 29.71
C GLY B 22 27.76 -33.30 29.54
N ALA B 23 28.17 -34.42 28.95
CA ALA B 23 29.57 -34.74 28.67
C ALA B 23 29.89 -34.42 27.23
N LYS B 24 31.14 -34.00 26.98
CA LYS B 24 31.64 -33.92 25.62
C LYS B 24 32.10 -35.29 25.15
N ASP B 25 31.99 -35.52 23.84
CA ASP B 25 32.50 -36.76 23.25
C ASP B 25 34.00 -36.63 23.04
N THR B 26 34.76 -37.56 23.62
CA THR B 26 36.21 -37.54 23.48
C THR B 26 36.69 -38.15 22.17
N LYS B 27 35.86 -38.94 21.49
CA LYS B 27 36.31 -39.68 20.33
C LYS B 27 36.69 -38.76 19.20
N PRO B 28 37.74 -39.04 18.44
CA PRO B 28 38.22 -38.13 17.42
C PRO B 28 37.24 -38.00 16.26
N MET B 29 37.30 -36.86 15.61
CA MET B 29 36.36 -36.53 14.55
C MET B 29 36.73 -37.28 13.27
N GLY B 30 36.00 -37.00 12.19
CA GLY B 30 36.32 -37.59 10.91
C GLY B 30 37.41 -36.85 10.19
N ARG B 31 37.20 -36.57 8.90
CA ARG B 31 38.25 -36.00 8.07
C ARG B 31 38.35 -34.48 8.25
N SER B 32 37.22 -33.81 8.42
CA SER B 32 37.19 -32.37 8.69
C SER B 32 38.14 -32.01 9.83
N GLY B 33 37.79 -32.40 11.04
CA GLY B 33 38.62 -32.12 12.19
C GLY B 33 38.54 -30.67 12.66
N ALA B 34 39.35 -29.80 12.06
CA ALA B 34 39.45 -28.42 12.52
C ALA B 34 38.14 -27.67 12.32
N THR B 35 37.55 -27.76 11.13
CA THR B 35 36.30 -27.06 10.87
C THR B 35 35.17 -27.57 11.77
N SER B 36 35.11 -28.88 12.00
CA SER B 36 34.04 -29.42 12.84
C SER B 36 34.19 -28.97 14.29
N ARG B 37 35.42 -28.88 14.78
CA ARG B 37 35.63 -28.40 16.15
C ARG B 37 35.19 -26.95 16.29
N LYS B 38 35.62 -26.08 15.36
CA LYS B 38 35.29 -24.67 15.46
C LYS B 38 33.81 -24.41 15.20
N ALA B 39 33.13 -25.34 14.51
CA ALA B 39 31.68 -25.21 14.39
C ALA B 39 30.98 -25.60 15.68
N LEU B 40 31.55 -26.53 16.44
CA LEU B 40 30.95 -26.90 17.72
C LEU B 40 31.15 -25.80 18.75
N GLU B 41 32.33 -25.17 18.77
CA GLU B 41 32.52 -24.02 19.64
C GLU B 41 31.56 -22.90 19.28
N THR B 42 31.32 -22.69 17.99
CA THR B 42 30.31 -21.73 17.56
C THR B 42 28.92 -22.15 18.03
N LEU B 43 28.59 -23.44 17.91
CA LEU B 43 27.29 -23.91 18.37
C LEU B 43 27.12 -23.78 19.87
N ARG B 44 28.20 -23.97 20.64
CA ARG B 44 28.12 -23.86 22.08
C ARG B 44 27.93 -22.41 22.51
N ARG B 45 28.56 -21.47 21.80
CA ARG B 45 28.38 -20.07 22.14
C ARG B 45 27.03 -19.55 21.66
N VAL B 46 26.73 -19.69 20.37
CA VAL B 46 25.50 -19.12 19.82
C VAL B 46 24.29 -19.94 20.23
N GLY B 47 24.39 -21.27 20.14
CA GLY B 47 23.22 -22.11 20.41
C GLY B 47 22.78 -22.07 21.87
N ASP B 48 23.74 -22.02 22.80
CA ASP B 48 23.36 -21.91 24.21
C ASP B 48 22.73 -20.56 24.51
N GLY B 49 23.22 -19.49 23.88
CA GLY B 49 22.60 -18.19 24.07
C GLY B 49 21.18 -18.16 23.54
N VAL B 50 20.94 -18.77 22.37
CA VAL B 50 19.60 -18.81 21.80
C VAL B 50 18.65 -19.54 22.74
N GLN B 51 19.09 -20.66 23.31
CA GLN B 51 18.22 -21.43 24.20
C GLN B 51 17.89 -20.65 25.48
N ARG B 52 18.87 -19.89 26.00
CA ARG B 52 18.62 -19.14 27.24
C ARG B 52 17.76 -17.90 26.99
N ASN B 53 18.04 -17.18 25.92
CA ASN B 53 17.32 -15.94 25.64
C ASN B 53 15.93 -16.16 25.10
N HIS B 54 15.58 -17.41 24.75
CA HIS B 54 14.27 -17.76 24.23
C HIS B 54 13.73 -18.99 24.93
N GLU B 55 14.09 -19.17 26.21
CA GLU B 55 13.63 -20.33 26.96
C GLU B 55 12.12 -20.33 27.12
N THR B 56 11.52 -19.15 27.29
CA THR B 56 10.05 -19.05 27.36
C THR B 56 9.41 -19.58 26.09
N ALA B 57 9.85 -19.08 24.93
CA ALA B 57 9.30 -19.52 23.66
C ALA B 57 9.61 -20.99 23.39
N PHE B 58 10.83 -21.43 23.72
CA PHE B 58 11.22 -22.81 23.44
C PHE B 58 10.43 -23.79 24.31
N GLN B 59 10.21 -23.46 25.57
CA GLN B 59 9.48 -24.36 26.46
C GLN B 59 8.01 -24.47 26.02
N GLY B 60 7.41 -23.36 25.61
CA GLY B 60 6.03 -23.43 25.14
C GLY B 60 5.89 -24.23 23.85
N MET B 61 6.85 -24.07 22.93
CA MET B 61 6.81 -24.86 21.70
C MET B 61 6.94 -26.35 22.01
N LEU B 62 7.83 -26.71 22.94
CA LEU B 62 8.05 -28.11 23.26
C LEU B 62 6.81 -28.78 23.84
N ARG B 63 6.10 -28.09 24.75
CA ARG B 63 4.92 -28.69 25.36
C ARG B 63 3.82 -28.91 24.33
N LYS B 64 3.61 -27.95 23.42
CA LYS B 64 2.51 -28.09 22.48
C LYS B 64 2.86 -28.99 21.30
N LEU B 65 4.15 -29.22 21.05
CA LEU B 65 4.54 -30.19 20.03
C LEU B 65 4.44 -31.62 20.56
N ASP B 66 4.55 -31.78 21.88
CA ASP B 66 4.44 -33.06 22.58
C ASP B 66 5.32 -34.15 21.92
N ILE B 67 6.63 -33.96 22.13
CA ILE B 67 7.68 -34.85 21.62
C ILE B 67 7.80 -36.02 22.60
N LYS B 68 7.21 -37.18 22.29
CA LYS B 68 7.28 -38.24 23.30
C LYS B 68 8.19 -39.39 22.94
N ASN B 69 8.05 -39.93 21.70
CA ASN B 69 8.72 -41.16 21.31
C ASN B 69 9.43 -40.87 19.98
N GLU B 70 9.86 -41.94 19.29
CA GLU B 70 10.67 -41.74 18.09
C GLU B 70 9.84 -41.36 16.85
N ASP B 71 8.57 -41.72 16.78
CA ASP B 71 7.65 -41.24 15.75
C ASP B 71 7.19 -39.81 15.96
N ASP B 72 7.41 -39.23 17.13
CA ASP B 72 7.17 -37.82 17.21
C ASP B 72 8.36 -37.00 16.73
N VAL B 73 9.49 -37.65 16.45
CA VAL B 73 10.70 -36.90 16.11
C VAL B 73 10.62 -36.29 14.72
N LYS B 74 9.82 -36.86 13.82
CA LYS B 74 9.64 -36.27 12.50
C LYS B 74 8.92 -34.93 12.56
N SER B 75 8.39 -34.54 13.72
CA SER B 75 7.64 -33.31 13.82
C SER B 75 8.54 -32.09 13.65
N LEU B 76 9.78 -32.17 14.16
CA LEU B 76 10.69 -31.04 14.00
C LEU B 76 11.18 -30.92 12.57
N SER B 77 11.24 -32.01 11.82
CA SER B 77 11.58 -31.89 10.41
C SER B 77 10.46 -31.21 9.64
N ARG B 78 9.21 -31.45 10.04
CA ARG B 78 8.10 -30.72 9.43
C ARG B 78 8.11 -29.25 9.82
N VAL B 79 8.54 -28.95 11.06
CA VAL B 79 8.68 -27.55 11.47
C VAL B 79 9.76 -26.87 10.63
N MET B 80 10.86 -27.57 10.36
CA MET B 80 11.91 -27.01 9.51
C MET B 80 11.37 -26.64 8.14
N ILE B 81 10.56 -27.53 7.55
CA ILE B 81 10.02 -27.26 6.23
C ILE B 81 9.12 -26.03 6.25
N HIS B 82 8.31 -25.88 7.31
CA HIS B 82 7.49 -24.69 7.42
C HIS B 82 8.35 -23.44 7.60
N VAL B 83 9.46 -23.56 8.33
CA VAL B 83 10.35 -22.42 8.54
C VAL B 83 10.87 -21.90 7.20
N PHE B 84 11.25 -22.79 6.31
CA PHE B 84 11.84 -22.41 5.05
C PHE B 84 10.84 -22.18 3.94
N SER B 85 9.54 -22.35 4.20
CA SER B 85 8.55 -22.29 3.12
C SER B 85 8.43 -20.91 2.49
N ASP B 86 9.05 -19.86 3.07
CA ASP B 86 9.06 -18.55 2.43
C ASP B 86 10.22 -18.36 1.46
N GLY B 87 11.11 -19.35 1.32
CA GLY B 87 12.20 -19.26 0.38
C GLY B 87 13.47 -18.62 0.92
N VAL B 88 13.44 -18.11 2.14
CA VAL B 88 14.61 -17.45 2.73
C VAL B 88 15.44 -18.50 3.45
N THR B 89 16.75 -18.50 3.20
CA THR B 89 17.72 -19.32 3.90
C THR B 89 18.82 -18.42 4.44
N ASN B 90 19.10 -18.51 5.74
CA ASN B 90 20.23 -17.82 6.34
C ASN B 90 20.73 -18.62 7.54
N TRP B 91 21.92 -18.23 8.02
CA TRP B 91 22.54 -18.97 9.11
C TRP B 91 21.79 -18.79 10.43
N GLY B 92 21.13 -17.66 10.62
CA GLY B 92 20.38 -17.45 11.85
C GLY B 92 19.26 -18.47 12.03
N ARG B 93 18.55 -18.78 10.93
CA ARG B 93 17.51 -19.80 11.00
C ARG B 93 18.11 -21.17 11.26
N ILE B 94 19.23 -21.48 10.60
CA ILE B 94 19.86 -22.76 10.75
C ILE B 94 20.35 -22.96 12.19
N VAL B 95 21.02 -21.96 12.76
CA VAL B 95 21.50 -22.11 14.13
C VAL B 95 20.34 -22.22 15.11
N THR B 96 19.21 -21.56 14.81
CA THR B 96 18.07 -21.60 15.74
C THR B 96 17.39 -22.96 15.72
N LEU B 97 17.27 -23.58 14.54
CA LEU B 97 16.70 -24.92 14.46
C LEU B 97 17.58 -25.94 15.17
N ILE B 98 18.90 -25.81 15.03
CA ILE B 98 19.81 -26.72 15.74
C ILE B 98 19.71 -26.49 17.25
N SER B 99 19.52 -25.24 17.68
CA SER B 99 19.40 -24.98 19.12
C SER B 99 18.10 -25.50 19.68
N PHE B 100 17.02 -25.46 18.90
CA PHE B 100 15.79 -26.09 19.37
C PHE B 100 15.91 -27.60 19.34
N GLY B 101 16.67 -28.15 18.40
CA GLY B 101 16.97 -29.57 18.43
C GLY B 101 17.71 -29.97 19.69
N ALA B 102 18.67 -29.14 20.12
CA ALA B 102 19.33 -29.39 21.40
C ALA B 102 18.37 -29.23 22.56
N PHE B 103 17.47 -28.26 22.49
CA PHE B 103 16.48 -28.06 23.53
C PHE B 103 15.56 -29.26 23.64
N VAL B 104 15.18 -29.84 22.50
CA VAL B 104 14.37 -31.05 22.51
C VAL B 104 15.18 -32.24 23.01
N ALA B 105 16.47 -32.28 22.69
CA ALA B 105 17.30 -33.42 23.09
C ALA B 105 17.44 -33.50 24.61
N LYS B 106 17.57 -32.35 25.28
CA LYS B 106 17.62 -32.36 26.74
C LYS B 106 16.34 -32.95 27.33
N HIS B 107 15.20 -32.59 26.74
CA HIS B 107 13.92 -33.11 27.22
C HIS B 107 13.79 -34.61 26.97
N LEU B 108 14.35 -35.12 25.87
CA LEU B 108 14.25 -36.55 25.57
C LEU B 108 14.99 -37.39 26.60
N LYS B 109 16.15 -36.90 27.07
CA LYS B 109 16.91 -37.61 28.10
C LYS B 109 16.12 -37.70 29.40
N THR B 110 15.44 -36.61 29.78
CA THR B 110 14.75 -36.57 31.06
C THR B 110 13.46 -37.38 31.07
N ILE B 111 12.92 -37.74 29.90
CA ILE B 111 11.75 -38.60 29.82
C ILE B 111 12.13 -40.02 29.42
N ASN B 112 13.37 -40.39 29.66
CA ASN B 112 13.99 -41.67 29.31
C ASN B 112 13.75 -42.02 27.83
N GLN B 113 14.10 -41.08 26.95
CA GLN B 113 14.08 -41.38 25.52
C GLN B 113 15.36 -40.93 24.83
N GLU B 114 16.50 -41.09 25.50
CA GLU B 114 17.77 -40.82 24.83
C GLU B 114 17.89 -41.62 23.54
N SER B 115 17.18 -42.75 23.45
CA SER B 115 17.00 -43.51 22.22
C SER B 115 16.69 -42.64 20.99
N CYS B 116 16.01 -41.52 21.20
CA CYS B 116 15.50 -40.69 20.11
C CYS B 116 16.45 -39.59 19.66
N ILE B 117 17.53 -39.34 20.41
CA ILE B 117 18.38 -38.17 20.14
C ILE B 117 19.11 -38.32 18.81
N GLU B 118 19.72 -39.47 18.56
CA GLU B 118 20.41 -39.66 17.29
C GLU B 118 19.45 -39.65 16.10
N PRO B 119 18.28 -40.31 16.19
CA PRO B 119 17.29 -40.13 15.11
C PRO B 119 16.87 -38.68 14.92
N LEU B 120 16.83 -37.88 15.99
CA LEU B 120 16.52 -36.46 15.84
C LEU B 120 17.63 -35.75 15.09
N ALA B 121 18.88 -36.02 15.48
CA ALA B 121 20.01 -35.38 14.81
C ALA B 121 20.10 -35.77 13.34
N GLU B 122 19.74 -37.00 13.00
CA GLU B 122 19.80 -37.46 11.61
C GLU B 122 18.73 -36.80 10.75
N SER B 123 17.53 -36.59 11.31
CA SER B 123 16.47 -35.99 10.52
C SER B 123 16.66 -34.48 10.39
N ILE B 124 17.22 -33.85 11.42
CA ILE B 124 17.59 -32.45 11.28
C ILE B 124 18.66 -32.29 10.22
N THR B 125 19.66 -33.18 10.25
CA THR B 125 20.74 -33.12 9.27
C THR B 125 20.21 -33.46 7.86
N ASP B 126 19.28 -34.40 7.78
CA ASP B 126 18.77 -34.82 6.48
C ASP B 126 18.05 -33.67 5.78
N VAL B 127 17.16 -32.98 6.50
CA VAL B 127 16.45 -31.85 5.93
C VAL B 127 17.41 -30.74 5.55
N LEU B 128 18.36 -30.44 6.43
CA LEU B 128 19.34 -29.40 6.16
C LEU B 128 20.13 -29.70 4.89
N VAL B 129 20.72 -30.90 4.81
CA VAL B 129 21.61 -31.22 3.71
C VAL B 129 20.84 -31.49 2.43
N ARG B 130 19.74 -32.25 2.52
CA ARG B 130 19.01 -32.61 1.30
C ARG B 130 18.38 -31.37 0.66
N THR B 131 17.69 -30.56 1.45
CA THR B 131 16.93 -29.43 0.93
C THR B 131 17.75 -28.16 0.72
N LYS B 132 18.96 -28.06 1.28
CA LYS B 132 19.74 -26.83 1.13
C LYS B 132 21.21 -27.12 0.81
N ARG B 133 21.50 -28.27 0.18
CA ARG B 133 22.87 -28.63 -0.14
C ARG B 133 23.61 -27.52 -0.89
N ASP B 134 23.05 -27.09 -2.02
CA ASP B 134 23.77 -26.16 -2.87
C ASP B 134 23.90 -24.78 -2.23
N TRP B 135 22.93 -24.39 -1.40
CA TRP B 135 23.08 -23.17 -0.63
C TRP B 135 24.25 -23.30 0.34
N LEU B 136 24.30 -24.41 1.08
CA LEU B 136 25.40 -24.64 2.01
C LEU B 136 26.75 -24.61 1.30
N VAL B 137 26.84 -25.27 0.14
CA VAL B 137 28.09 -25.28 -0.61
C VAL B 137 28.47 -23.87 -1.03
N LYS B 138 27.48 -23.08 -1.46
CA LYS B 138 27.78 -21.73 -1.91
C LYS B 138 28.12 -20.80 -0.74
N GLN B 139 27.65 -21.13 0.46
CA GLN B 139 28.04 -20.38 1.65
C GLN B 139 29.29 -20.96 2.30
N ARG B 140 30.00 -21.83 1.59
CA ARG B 140 31.25 -22.45 2.05
C ARG B 140 31.04 -23.31 3.28
N GLY B 141 29.88 -23.96 3.36
CA GLY B 141 29.59 -24.95 4.40
C GLY B 141 29.83 -24.45 5.82
N TRP B 142 30.34 -25.35 6.65
CA TRP B 142 30.54 -25.03 8.06
C TRP B 142 31.66 -24.02 8.27
N ASP B 143 32.54 -23.84 7.29
CA ASP B 143 33.52 -22.76 7.39
C ASP B 143 32.83 -21.41 7.33
N GLY B 144 31.80 -21.28 6.49
CA GLY B 144 31.04 -20.03 6.45
C GLY B 144 30.16 -19.84 7.67
N PHE B 145 29.64 -20.93 8.23
CA PHE B 145 28.87 -20.86 9.47
C PHE B 145 29.73 -20.32 10.61
N VAL B 146 30.98 -20.80 10.72
CA VAL B 146 31.91 -20.28 11.71
C VAL B 146 32.23 -18.82 11.42
N GLU B 147 32.47 -18.51 10.14
CA GLU B 147 32.81 -17.14 9.75
C GLU B 147 31.67 -16.18 10.01
N PHE B 148 30.43 -16.65 9.85
CA PHE B 148 29.27 -15.78 10.07
C PHE B 148 29.10 -15.39 11.54
N PHE B 149 29.37 -16.31 12.47
CA PHE B 149 29.14 -16.04 13.89
C PHE B 149 30.42 -15.70 14.65
N HIS B 150 31.48 -15.32 13.94
CA HIS B 150 32.72 -14.89 14.57
C HIS B 150 32.60 -13.43 14.97
N VAL B 151 33.12 -13.08 16.15
CA VAL B 151 33.12 -11.68 16.59
C VAL B 151 34.53 -11.21 16.91
N ASP C 2 17.99 2.21 -18.95
CA ASP C 2 18.04 2.06 -20.41
C ASP C 2 17.43 0.74 -20.84
N ALA C 3 17.30 0.54 -22.14
CA ALA C 3 16.85 -0.74 -22.68
C ALA C 3 18.02 -1.67 -22.99
N LYS C 4 19.23 -1.13 -23.12
CA LYS C 4 20.42 -1.96 -23.17
C LYS C 4 20.60 -2.74 -21.88
N LYS C 5 20.22 -2.15 -20.74
CA LYS C 5 20.41 -2.80 -19.45
C LYS C 5 19.44 -3.95 -19.24
N VAL C 6 18.24 -3.89 -19.84
CA VAL C 6 17.34 -5.03 -19.78
C VAL C 6 17.89 -6.19 -20.59
N ALA C 7 18.42 -5.91 -21.78
CA ALA C 7 18.97 -6.96 -22.62
C ALA C 7 20.27 -7.50 -22.04
N LYS C 8 21.13 -6.61 -21.53
CA LYS C 8 22.39 -7.08 -20.98
C LYS C 8 22.18 -7.88 -19.70
N LYS C 9 21.21 -7.49 -18.87
CA LYS C 9 20.90 -8.28 -17.69
C LYS C 9 20.45 -9.69 -18.07
N ALA C 10 19.56 -9.79 -19.05
CA ALA C 10 19.09 -11.11 -19.49
C ALA C 10 20.23 -11.90 -20.11
N ALA C 11 21.12 -11.24 -20.85
CA ALA C 11 22.27 -11.91 -21.44
C ALA C 11 23.24 -12.40 -20.36
N ILE C 12 23.45 -11.59 -19.32
CA ILE C 12 24.37 -11.99 -18.26
C ILE C 12 23.81 -13.18 -17.49
N GLN C 13 22.51 -13.16 -17.22
CA GLN C 13 21.89 -14.27 -16.49
C GLN C 13 21.91 -15.56 -17.31
N ALA C 14 21.61 -15.47 -18.62
CA ALA C 14 21.60 -16.66 -19.45
C ALA C 14 23.00 -17.29 -19.53
N ALA C 15 24.04 -16.47 -19.67
CA ALA C 15 25.39 -17.00 -19.72
C ALA C 15 25.80 -17.58 -18.37
N ARG C 16 25.45 -16.89 -17.28
CA ARG C 16 25.78 -17.38 -15.95
C ARG C 16 25.20 -18.77 -15.71
N ARG C 17 23.92 -18.96 -16.08
CA ARG C 17 23.24 -20.22 -15.80
C ARG C 17 23.77 -21.35 -16.69
N ILE C 18 24.11 -21.05 -17.94
CA ILE C 18 24.65 -22.07 -18.82
C ILE C 18 26.06 -22.47 -18.38
N THR C 19 26.88 -21.49 -18.00
CA THR C 19 28.20 -21.80 -17.47
C THR C 19 28.09 -22.59 -16.16
N GLU C 20 27.11 -22.23 -15.35
CA GLU C 20 26.90 -22.90 -14.07
C GLU C 20 26.42 -24.33 -14.27
N LEU C 21 25.57 -24.56 -15.27
CA LEU C 21 25.12 -25.91 -15.58
C LEU C 21 26.27 -26.78 -16.07
N ALA C 22 27.13 -26.24 -16.94
CA ALA C 22 28.28 -26.99 -17.43
C ALA C 22 29.18 -27.43 -16.27
N GLN C 23 29.36 -26.55 -15.27
CA GLN C 23 30.25 -26.87 -14.16
C GLN C 23 29.69 -27.97 -13.27
N VAL C 24 28.38 -27.93 -13.00
CA VAL C 24 27.78 -28.96 -12.14
C VAL C 24 27.77 -30.31 -12.86
N LEU C 25 27.51 -30.31 -14.17
CA LEU C 25 27.52 -31.56 -14.92
C LEU C 25 28.92 -32.19 -14.94
N VAL C 26 29.96 -31.35 -14.97
CA VAL C 26 31.32 -31.87 -14.90
C VAL C 26 31.55 -32.54 -13.55
N GLU C 27 31.06 -31.92 -12.48
CA GLU C 27 31.24 -32.48 -11.13
C GLU C 27 30.43 -33.76 -10.95
N LEU C 28 29.24 -33.83 -11.56
CA LEU C 28 28.45 -35.06 -11.46
C LEU C 28 29.10 -36.19 -12.23
N LEU C 29 29.70 -35.88 -13.40
CA LEU C 29 30.37 -36.93 -14.16
C LEU C 29 31.58 -37.46 -13.41
N LYS C 30 32.32 -36.59 -12.71
CA LYS C 30 33.44 -37.05 -11.91
C LYS C 30 32.98 -37.94 -10.78
N GLU C 31 31.79 -37.68 -10.23
CA GLU C 31 31.25 -38.52 -9.17
C GLU C 31 30.89 -39.90 -9.70
N ALA C 32 30.49 -39.98 -10.98
CA ALA C 32 30.14 -41.25 -11.61
C ALA C 32 31.36 -42.13 -11.87
N LEU C 33 32.57 -41.59 -11.74
CA LEU C 33 33.78 -42.38 -11.95
C LEU C 33 34.20 -43.14 -10.71
N LYS C 34 33.84 -42.63 -9.53
CA LYS C 34 34.08 -43.34 -8.29
C LYS C 34 33.56 -44.76 -8.42
N LEU C 35 34.43 -45.72 -8.15
CA LEU C 35 34.13 -47.13 -8.34
C LEU C 35 33.39 -47.75 -7.16
N ASP C 36 33.30 -47.01 -6.05
CA ASP C 36 32.43 -47.36 -4.92
C ASP C 36 30.95 -47.17 -5.25
N LEU C 37 30.63 -46.64 -6.43
CA LEU C 37 29.28 -46.16 -6.71
C LEU C 37 28.27 -47.29 -6.64
N THR C 38 27.32 -47.17 -5.72
CA THR C 38 26.24 -48.12 -5.59
C THR C 38 25.11 -47.75 -6.55
N GLN C 39 24.02 -48.52 -6.51
CA GLN C 39 22.95 -48.32 -7.48
C GLN C 39 22.04 -47.18 -7.05
N GLU C 40 21.84 -47.00 -5.75
CA GLU C 40 21.08 -45.85 -5.27
C GLU C 40 21.89 -44.56 -5.39
N MET C 41 23.21 -44.64 -5.24
CA MET C 41 24.07 -43.48 -5.51
C MET C 41 24.01 -43.10 -6.98
N ARG C 42 23.97 -44.09 -7.88
CA ARG C 42 23.85 -43.76 -9.29
C ARG C 42 22.51 -43.10 -9.57
N LYS C 43 21.45 -43.56 -8.90
CA LYS C 43 20.12 -43.03 -9.22
C LYS C 43 19.93 -41.59 -8.77
N LYS C 44 20.53 -41.18 -7.65
CA LYS C 44 20.36 -39.81 -7.20
C LYS C 44 21.34 -38.87 -7.90
N LEU C 45 22.47 -39.40 -8.39
CA LEU C 45 23.25 -38.66 -9.39
C LEU C 45 22.40 -38.34 -10.62
N ILE C 46 21.53 -39.28 -11.03
CA ILE C 46 20.65 -39.03 -12.15
C ILE C 46 19.64 -37.95 -11.78
N GLU C 47 19.10 -38.03 -10.57
CA GLU C 47 18.16 -37.02 -10.12
C GLU C 47 18.83 -35.65 -9.98
N ARG C 48 20.10 -35.62 -9.58
CA ARG C 48 20.81 -34.34 -9.48
C ARG C 48 21.13 -33.77 -10.85
N TYR C 49 21.38 -34.63 -11.84
CA TYR C 49 21.57 -34.17 -13.21
C TYR C 49 20.28 -33.59 -13.78
N ALA C 50 19.15 -34.27 -13.57
CA ALA C 50 17.89 -33.74 -14.09
C ALA C 50 17.52 -32.44 -13.39
N ALA C 51 17.80 -32.33 -12.09
CA ALA C 51 17.54 -31.09 -11.39
C ALA C 51 18.42 -29.96 -11.90
N ALA C 52 19.68 -30.25 -12.22
CA ALA C 52 20.57 -29.24 -12.78
C ALA C 52 20.03 -28.71 -14.11
N ILE C 53 19.53 -29.60 -14.97
CA ILE C 53 18.96 -29.16 -16.24
C ILE C 53 17.70 -28.32 -16.00
N ILE C 54 16.81 -28.79 -15.14
CA ILE C 54 15.56 -28.07 -14.89
C ILE C 54 15.84 -26.70 -14.27
N ARG C 55 16.79 -26.63 -13.35
CA ARG C 55 17.14 -25.35 -12.72
C ARG C 55 17.69 -24.38 -13.74
N ALA C 56 18.58 -24.85 -14.62
CA ALA C 56 19.12 -23.99 -15.68
C ALA C 56 18.00 -23.48 -16.59
N ILE C 57 17.15 -24.38 -17.07
CA ILE C 57 16.06 -23.99 -17.97
C ILE C 57 15.11 -23.05 -17.24
N GLY C 58 14.77 -23.38 -15.99
CA GLY C 58 13.85 -22.53 -15.24
C GLY C 58 14.39 -21.14 -14.99
N ASP C 59 15.70 -21.02 -14.76
CA ASP C 59 16.30 -19.72 -14.48
C ASP C 59 16.47 -18.89 -15.75
N ILE C 60 16.76 -19.53 -16.89
CA ILE C 60 16.80 -18.81 -18.15
C ILE C 60 15.39 -18.34 -18.51
N ASN C 61 14.41 -19.22 -18.37
CA ASN C 61 13.01 -18.88 -18.63
C ASN C 61 12.57 -17.70 -17.77
N ASN C 62 12.93 -17.71 -16.49
CA ASN C 62 12.56 -16.60 -15.61
C ASN C 62 13.20 -15.30 -16.06
N ALA C 63 14.47 -15.34 -16.46
CA ALA C 63 15.17 -14.13 -16.86
C ALA C 63 14.59 -13.55 -18.15
N ILE C 64 14.22 -14.41 -19.11
CA ILE C 64 13.66 -13.90 -20.37
C ILE C 64 12.29 -13.28 -20.11
N TYR C 65 11.45 -13.92 -19.32
CA TYR C 65 10.14 -13.34 -19.04
C TYR C 65 10.24 -12.11 -18.14
N GLN C 66 11.21 -12.07 -17.24
CA GLN C 66 11.41 -10.88 -16.44
C GLN C 66 11.92 -9.73 -17.30
N ALA C 67 12.76 -10.02 -18.30
CA ALA C 67 13.26 -8.98 -19.20
C ALA C 67 12.17 -8.46 -20.11
N LYS C 68 11.30 -9.34 -20.60
CA LYS C 68 10.22 -8.88 -21.47
C LYS C 68 9.24 -8.03 -20.69
N GLN C 69 9.07 -8.35 -19.42
CA GLN C 69 8.20 -7.54 -18.60
C GLN C 69 8.82 -6.19 -18.32
N GLU C 70 10.12 -6.15 -18.00
CA GLU C 70 10.81 -4.88 -17.84
C GLU C 70 10.80 -4.06 -19.12
N ALA C 71 10.66 -4.72 -20.28
CA ALA C 71 10.72 -3.99 -21.54
C ALA C 71 9.42 -3.24 -21.81
N GLU C 72 8.27 -3.88 -21.54
CA GLU C 72 7.02 -3.17 -21.59
C GLU C 72 6.88 -2.21 -20.41
N LYS C 73 7.72 -2.39 -19.36
CA LYS C 73 7.76 -1.47 -18.23
C LYS C 73 8.16 -0.11 -18.74
N LEU C 74 9.07 -0.14 -19.73
CA LEU C 74 9.68 1.00 -20.41
C LEU C 74 8.80 1.58 -21.52
N LYS C 75 8.01 0.74 -22.19
CA LYS C 75 7.14 1.26 -23.24
C LYS C 75 6.05 2.15 -22.67
N LYS C 76 5.47 1.77 -21.53
CA LYS C 76 4.43 2.57 -20.90
C LYS C 76 4.96 3.87 -20.33
N ALA C 77 6.27 3.96 -20.08
CA ALA C 77 6.88 5.19 -19.60
C ALA C 77 7.39 6.07 -20.73
N GLY C 78 7.26 5.64 -21.98
CA GLY C 78 7.73 6.41 -23.11
C GLY C 78 9.23 6.45 -23.29
N LEU C 79 9.96 5.55 -22.64
CA LEU C 79 11.43 5.55 -22.73
C LEU C 79 11.96 4.72 -23.91
N VAL C 80 11.05 4.08 -24.64
CA VAL C 80 11.30 3.38 -25.89
C VAL C 80 10.00 3.37 -26.69
N ASP C 81 10.12 3.41 -28.02
CA ASP C 81 8.97 3.41 -28.92
C ASP C 81 8.71 2.00 -29.42
N SER C 82 7.69 1.84 -30.26
CA SER C 82 7.26 0.49 -30.65
C SER C 82 8.35 -0.25 -31.42
N ASP C 83 9.09 0.45 -32.28
CA ASP C 83 10.13 -0.21 -33.08
C ASP C 83 11.37 -0.52 -32.25
N GLN C 84 11.65 0.27 -31.21
CA GLN C 84 12.76 -0.08 -30.34
C GLN C 84 12.42 -1.22 -29.38
N LEU C 85 11.17 -1.26 -28.89
CA LEU C 85 10.76 -2.29 -27.94
C LEU C 85 10.69 -3.66 -28.61
N ASP C 86 10.17 -3.68 -29.83
CA ASP C 86 9.99 -4.79 -30.72
C ASP C 86 11.30 -5.29 -31.30
N ALA C 87 12.34 -4.47 -31.25
CA ALA C 87 13.70 -4.96 -31.49
C ALA C 87 14.29 -5.58 -30.23
N LEU C 88 13.93 -5.06 -29.06
CA LEU C 88 14.38 -5.62 -27.80
C LEU C 88 13.74 -6.97 -27.55
N LEU C 89 12.46 -7.12 -27.89
CA LEU C 89 11.78 -8.40 -27.70
C LEU C 89 12.33 -9.48 -28.63
N ARG C 90 12.75 -9.09 -29.84
CA ARG C 90 13.34 -10.06 -30.76
C ARG C 90 14.74 -10.48 -30.32
N ALA C 91 15.48 -9.59 -29.67
CA ALA C 91 16.78 -9.97 -29.14
C ALA C 91 16.65 -10.93 -27.96
N LEU C 92 15.63 -10.73 -27.13
CA LEU C 92 15.40 -11.63 -26.00
C LEU C 92 14.93 -13.00 -26.47
N ASP C 93 14.23 -13.06 -27.60
CA ASP C 93 13.81 -14.35 -28.14
C ASP C 93 14.99 -15.12 -28.73
N GLU C 94 15.95 -14.42 -29.34
CA GLU C 94 17.13 -15.11 -29.82
C GLU C 94 18.03 -15.49 -28.66
N LEU C 95 18.01 -14.72 -27.58
CA LEU C 95 18.69 -15.13 -26.35
C LEU C 95 18.10 -16.44 -25.85
N GLN C 96 16.77 -16.53 -25.80
CA GLN C 96 16.11 -17.75 -25.37
C GLN C 96 16.47 -18.92 -26.29
N LYS C 97 16.54 -18.67 -27.59
CA LYS C 97 16.80 -19.74 -28.55
C LYS C 97 18.21 -20.31 -28.36
N VAL C 98 19.23 -19.45 -28.33
CA VAL C 98 20.59 -19.96 -28.22
C VAL C 98 20.82 -20.57 -26.85
N ALA C 99 20.20 -20.01 -25.80
CA ALA C 99 20.36 -20.57 -24.47
C ALA C 99 19.69 -21.93 -24.34
N SER C 100 18.54 -22.11 -25.00
CA SER C 100 17.88 -23.42 -25.01
C SER C 100 18.73 -24.45 -25.73
N LYS C 101 19.35 -24.05 -26.84
CA LYS C 101 20.21 -24.97 -27.57
C LYS C 101 21.43 -25.38 -26.74
N ALA C 102 21.99 -24.44 -25.96
CA ALA C 102 23.15 -24.76 -25.15
C ALA C 102 22.81 -25.73 -24.03
N ALA C 103 21.63 -25.58 -23.43
CA ALA C 103 21.22 -26.52 -22.39
C ALA C 103 20.96 -27.90 -22.96
N ASN C 104 20.30 -27.98 -24.13
CA ASN C 104 20.06 -29.27 -24.77
C ASN C 104 21.37 -29.95 -25.13
N GLN C 105 22.35 -29.19 -25.61
CA GLN C 105 23.62 -29.80 -25.99
C GLN C 105 24.39 -30.28 -24.78
N LEU C 106 24.27 -29.58 -23.64
CA LEU C 106 24.95 -30.01 -22.43
C LEU C 106 24.28 -31.24 -21.82
N GLY C 107 22.95 -31.33 -21.90
CA GLY C 107 22.27 -32.51 -21.42
C GLY C 107 22.62 -33.75 -22.22
N ARG C 108 22.48 -33.66 -23.55
CA ARG C 108 22.82 -34.80 -24.40
C ARG C 108 24.26 -35.24 -24.18
N LEU C 109 25.20 -34.30 -24.12
CA LEU C 109 26.59 -34.65 -23.92
C LEU C 109 26.80 -35.37 -22.59
N PHE C 110 26.10 -34.94 -21.54
CA PHE C 110 26.25 -35.61 -20.26
C PHE C 110 25.65 -37.01 -20.27
N GLU C 111 24.48 -37.18 -20.91
CA GLU C 111 23.88 -38.51 -20.99
C GLU C 111 24.74 -39.48 -21.80
N GLU C 112 25.42 -38.99 -22.83
CA GLU C 112 26.23 -39.88 -23.65
C GLU C 112 27.52 -40.27 -22.95
N ALA C 113 28.09 -39.37 -22.15
CA ALA C 113 29.30 -39.71 -21.40
C ALA C 113 29.00 -40.74 -20.33
N LEU C 114 27.82 -40.66 -19.73
CA LEU C 114 27.38 -41.68 -18.78
C LEU C 114 27.26 -43.04 -19.46
N LYS C 115 26.61 -43.07 -20.63
CA LYS C 115 26.52 -44.29 -21.42
C LYS C 115 27.91 -44.85 -21.71
N ARG C 116 28.86 -43.99 -22.05
CA ARG C 116 30.19 -44.46 -22.46
C ARG C 116 31.03 -44.95 -21.30
N LEU C 117 30.70 -44.57 -20.05
CA LEU C 117 31.44 -45.14 -18.93
C LEU C 117 30.82 -46.44 -18.46
N ASP C 118 29.53 -46.65 -18.74
CA ASP C 118 28.85 -47.89 -18.40
C ASP C 118 29.21 -49.00 -19.37
N LYS C 119 28.81 -48.86 -20.64
CA LYS C 119 28.96 -49.94 -21.62
C LYS C 119 30.40 -50.14 -22.07
N ASP C 120 31.23 -49.10 -22.05
CA ASP C 120 32.63 -49.31 -22.41
C ASP C 120 33.39 -49.93 -21.25
N ASN C 121 34.68 -50.20 -21.51
CA ASN C 121 35.59 -50.70 -20.50
C ASN C 121 35.67 -49.72 -19.33
N GLY C 122 36.11 -50.20 -18.17
CA GLY C 122 36.21 -49.32 -17.01
C GLY C 122 37.63 -49.09 -16.56
N GLY C 123 38.51 -48.66 -17.47
CA GLY C 123 39.90 -48.39 -17.11
C GLY C 123 40.01 -47.03 -16.44
N GLU C 124 40.81 -46.97 -15.36
CA GLU C 124 40.85 -45.78 -14.51
C GLU C 124 41.22 -44.53 -15.27
N GLU C 125 42.19 -44.64 -16.15
CA GLU C 125 42.59 -43.47 -16.90
C GLU C 125 41.76 -43.32 -18.17
N GLU C 126 41.21 -44.42 -18.66
CA GLU C 126 40.23 -44.34 -19.75
C GLU C 126 38.96 -43.62 -19.30
N LYS C 127 38.58 -43.72 -18.03
CA LYS C 127 37.34 -43.10 -17.58
C LYS C 127 37.59 -41.65 -17.28
N ASP C 128 38.80 -41.33 -16.81
CA ASP C 128 39.19 -39.96 -16.55
C ASP C 128 39.41 -39.19 -17.84
N ARG C 129 39.87 -39.85 -18.88
CA ARG C 129 39.94 -39.20 -20.18
C ARG C 129 38.56 -38.81 -20.65
N THR C 130 37.61 -39.75 -20.55
CA THR C 130 36.23 -39.44 -20.89
C THR C 130 35.73 -38.24 -20.09
N ALA C 131 36.13 -38.11 -18.82
CA ALA C 131 35.72 -36.98 -18.01
C ALA C 131 36.32 -35.68 -18.52
N LYS C 132 37.62 -35.66 -18.82
CA LYS C 132 38.26 -34.42 -19.24
C LYS C 132 37.88 -34.03 -20.68
N TRP C 133 37.55 -34.99 -21.52
CA TRP C 133 37.04 -34.63 -22.84
C TRP C 133 35.65 -34.01 -22.73
N PHE C 134 34.82 -34.54 -21.83
CA PHE C 134 33.50 -33.94 -21.61
C PHE C 134 33.63 -32.52 -21.08
N GLU C 135 34.54 -32.30 -20.13
CA GLU C 135 34.77 -30.94 -19.65
C GLU C 135 35.22 -30.03 -20.78
N PHE C 136 36.06 -30.54 -21.67
CA PHE C 136 36.53 -29.75 -22.81
C PHE C 136 35.36 -29.36 -23.71
N GLU C 137 34.47 -30.32 -24.02
CA GLU C 137 33.32 -30.00 -24.86
C GLU C 137 32.31 -29.14 -24.15
N ALA C 138 32.15 -29.32 -22.84
CA ALA C 138 31.21 -28.51 -22.09
C ALA C 138 31.71 -27.08 -21.95
N ARG C 139 33.03 -26.91 -21.77
CA ARG C 139 33.61 -25.57 -21.77
C ARG C 139 33.35 -24.86 -23.09
N ALA C 140 33.45 -25.60 -24.21
CA ALA C 140 33.21 -24.99 -25.51
C ALA C 140 31.77 -24.51 -25.64
N ILE C 141 30.80 -25.33 -25.21
CA ILE C 141 29.40 -24.96 -25.31
C ILE C 141 29.11 -23.69 -24.51
N GLU C 142 29.59 -23.65 -23.25
CA GLU C 142 29.29 -22.51 -22.40
C GLU C 142 30.01 -21.25 -22.87
N ILE C 143 31.25 -21.39 -23.36
CA ILE C 143 31.97 -20.23 -23.87
C ILE C 143 31.30 -19.74 -25.15
N ALA C 144 30.83 -20.66 -26.00
CA ALA C 144 30.17 -20.26 -27.23
C ALA C 144 28.86 -19.56 -26.96
N LEU C 145 28.13 -20.00 -25.94
CA LEU C 145 26.88 -19.36 -25.62
C LEU C 145 27.09 -17.96 -25.04
N ARG C 146 28.09 -17.81 -24.15
CA ARG C 146 28.38 -16.50 -23.59
C ARG C 146 28.64 -15.49 -24.71
N LEU C 147 29.46 -15.87 -25.69
CA LEU C 147 29.78 -14.95 -26.78
C LEU C 147 28.56 -14.69 -27.65
N ALA C 148 27.71 -15.70 -27.85
CA ALA C 148 26.51 -15.49 -28.64
C ALA C 148 25.54 -14.54 -27.95
N ALA C 149 25.50 -14.59 -26.61
CA ALA C 149 24.58 -13.71 -25.88
C ALA C 149 25.12 -12.29 -25.84
N ILE C 150 26.42 -12.12 -25.62
CA ILE C 150 27.00 -10.79 -25.68
C ILE C 150 26.93 -10.24 -27.10
N GLY C 151 27.08 -11.12 -28.09
CA GLY C 151 26.97 -10.70 -29.47
C GLY C 151 25.58 -10.19 -29.83
N ASP C 152 24.54 -10.77 -29.22
CA ASP C 152 23.19 -10.30 -29.50
C ASP C 152 22.95 -8.93 -28.89
N VAL C 153 23.63 -8.60 -27.78
CA VAL C 153 23.53 -7.25 -27.23
C VAL C 153 24.21 -6.24 -28.13
N PHE C 154 25.37 -6.61 -28.69
CA PHE C 154 26.01 -5.76 -29.69
C PHE C 154 25.11 -5.57 -30.90
N ASP C 155 24.54 -6.67 -31.41
CA ASP C 155 23.70 -6.59 -32.60
C ASP C 155 22.45 -5.75 -32.32
N LEU C 156 21.99 -5.73 -31.07
CA LEU C 156 20.84 -4.89 -30.73
C LEU C 156 21.23 -3.42 -30.71
N GLU C 157 22.45 -3.12 -30.25
CA GLU C 157 22.89 -1.72 -30.20
C GLU C 157 23.02 -1.12 -31.58
N LYS C 158 23.40 -1.91 -32.58
CA LYS C 158 23.49 -1.41 -33.95
C LYS C 158 22.15 -1.40 -34.67
N GLU C 159 21.24 -2.32 -34.32
CA GLU C 159 19.87 -2.21 -34.80
C GLU C 159 19.15 -1.04 -34.14
N TRP C 160 19.68 -0.53 -33.03
CA TRP C 160 19.19 0.69 -32.42
C TRP C 160 19.71 1.93 -33.15
N ARG C 161 20.93 1.88 -33.67
CA ARG C 161 21.49 2.98 -34.43
C ARG C 161 20.92 3.07 -35.83
N LYS C 162 20.24 2.02 -36.29
CA LYS C 162 19.58 2.06 -37.59
C LYS C 162 18.28 2.85 -37.53
N ASP D 2 -7.15 -27.67 2.41
CA ASP D 2 -6.42 -26.41 2.23
C ASP D 2 -6.63 -25.85 0.82
N GLU D 3 -7.08 -24.60 0.75
CA GLU D 3 -7.46 -24.00 -0.53
C GLU D 3 -6.26 -23.94 -1.49
N LEU D 4 -5.07 -23.61 -0.98
CA LEU D 4 -3.90 -23.53 -1.86
C LEU D 4 -3.59 -24.89 -2.50
N TYR D 5 -3.69 -25.98 -1.72
CA TYR D 5 -3.47 -27.31 -2.29
C TYR D 5 -4.53 -27.66 -3.31
N ARG D 6 -5.80 -27.37 -3.02
CA ARG D 6 -6.89 -27.72 -3.92
C ARG D 6 -6.72 -27.04 -5.27
N GLN D 7 -6.48 -25.74 -5.26
CA GLN D 7 -6.31 -25.01 -6.52
C GLN D 7 -5.07 -25.47 -7.26
N SER D 8 -3.95 -25.66 -6.54
CA SER D 8 -2.71 -26.11 -7.16
C SER D 8 -2.89 -27.48 -7.82
N LEU D 9 -3.52 -28.41 -7.09
CA LEU D 9 -3.75 -29.75 -7.65
C LEU D 9 -4.70 -29.70 -8.84
N GLU D 10 -5.74 -28.87 -8.75
CA GLU D 10 -6.68 -28.77 -9.87
C GLU D 10 -5.98 -28.26 -11.12
N ILE D 11 -5.12 -27.26 -10.97
CA ILE D 11 -4.38 -26.73 -12.11
C ILE D 11 -3.37 -27.75 -12.63
N ILE D 12 -2.58 -28.34 -11.73
CA ILE D 12 -1.50 -29.21 -12.18
C ILE D 12 -2.04 -30.55 -12.70
N SER D 13 -2.99 -31.15 -11.99
CA SER D 13 -3.61 -32.38 -12.49
C SER D 13 -4.22 -32.16 -13.88
N ARG D 14 -4.96 -31.07 -14.05
CA ARG D 14 -5.65 -30.84 -15.31
C ARG D 14 -4.66 -30.64 -16.45
N TYR D 15 -3.56 -29.92 -16.20
CA TYR D 15 -2.57 -29.75 -17.24
C TYR D 15 -1.93 -31.09 -17.59
N LEU D 16 -1.60 -31.88 -16.57
CA LEU D 16 -0.93 -33.15 -16.82
C LEU D 16 -1.84 -34.14 -17.52
N ARG D 17 -3.11 -34.22 -17.10
CA ARG D 17 -4.05 -35.14 -17.72
C ARG D 17 -4.39 -34.72 -19.14
N GLU D 18 -4.62 -33.43 -19.35
CA GLU D 18 -4.96 -32.94 -20.68
C GLU D 18 -3.78 -33.06 -21.64
N GLN D 19 -2.56 -32.99 -21.13
CA GLN D 19 -1.38 -33.12 -21.98
C GLN D 19 -1.14 -34.56 -22.37
N ALA D 20 -1.40 -35.49 -21.45
CA ALA D 20 -1.17 -36.90 -21.73
C ALA D 20 -2.25 -37.48 -22.64
N THR D 21 -3.52 -37.26 -22.32
CA THR D 21 -4.59 -37.81 -23.15
C THR D 21 -4.70 -37.03 -24.44
N GLY D 22 -4.77 -35.71 -24.35
CA GLY D 22 -4.91 -34.84 -25.50
C GLY D 22 -6.21 -34.05 -25.51
N ALA D 23 -7.13 -34.34 -24.60
CA ALA D 23 -8.41 -33.65 -24.52
C ALA D 23 -8.50 -32.79 -23.27
N LYS D 24 -9.14 -31.63 -23.41
CA LYS D 24 -9.50 -30.81 -22.27
C LYS D 24 -10.58 -31.50 -21.43
N ASP D 25 -10.68 -31.09 -20.18
CA ASP D 25 -11.62 -31.71 -19.23
C ASP D 25 -12.82 -30.81 -18.93
N GLY D 33 -11.32 -20.42 -9.48
CA GLY D 33 -12.06 -20.77 -10.68
C GLY D 33 -11.63 -19.96 -11.89
N ALA D 34 -11.88 -18.65 -11.84
CA ALA D 34 -11.37 -17.77 -12.88
C ALA D 34 -9.86 -17.80 -12.91
N THR D 35 -9.22 -17.63 -11.74
CA THR D 35 -7.77 -17.69 -11.68
C THR D 35 -7.26 -19.06 -12.11
N SER D 36 -8.00 -20.13 -11.79
CA SER D 36 -7.57 -21.47 -12.16
C SER D 36 -7.57 -21.67 -13.67
N ARG D 37 -8.50 -21.05 -14.40
CA ARG D 37 -8.56 -21.24 -15.84
C ARG D 37 -7.52 -20.40 -16.57
N LYS D 38 -7.04 -19.33 -15.92
CA LYS D 38 -6.13 -18.37 -16.51
C LYS D 38 -4.73 -18.94 -16.45
N ALA D 39 -4.51 -19.65 -15.36
CA ALA D 39 -3.25 -20.32 -15.10
C ALA D 39 -3.12 -21.53 -15.98
N LEU D 40 -4.23 -22.17 -16.34
CA LEU D 40 -4.15 -23.27 -17.28
C LEU D 40 -3.87 -22.75 -18.69
N GLU D 41 -4.38 -21.57 -19.04
CA GLU D 41 -4.00 -20.94 -20.29
C GLU D 41 -2.50 -20.60 -20.29
N THR D 42 -2.04 -19.98 -19.20
CA THR D 42 -0.62 -19.69 -19.05
C THR D 42 0.22 -20.96 -19.12
N LEU D 43 -0.25 -22.02 -18.46
CA LEU D 43 0.48 -23.30 -18.49
C LEU D 43 0.51 -23.90 -19.88
N ARG D 44 -0.55 -23.71 -20.66
CA ARG D 44 -0.58 -24.25 -22.02
C ARG D 44 0.35 -23.48 -22.95
N ARG D 45 0.46 -22.16 -22.74
CA ARG D 45 1.34 -21.36 -23.59
C ARG D 45 2.80 -21.56 -23.21
N VAL D 46 3.15 -21.32 -21.95
CA VAL D 46 4.54 -21.38 -21.52
C VAL D 46 5.02 -22.82 -21.40
N GLY D 47 4.20 -23.70 -20.81
CA GLY D 47 4.64 -25.07 -20.58
C GLY D 47 4.83 -25.86 -21.87
N ASP D 48 3.95 -25.65 -22.85
CA ASP D 48 4.14 -26.33 -24.13
C ASP D 48 5.38 -25.80 -24.83
N GLY D 49 5.65 -24.50 -24.72
CA GLY D 49 6.89 -23.96 -25.27
C GLY D 49 8.12 -24.55 -24.63
N VAL D 50 8.10 -24.72 -23.30
CA VAL D 50 9.23 -25.31 -22.60
C VAL D 50 9.49 -26.71 -23.11
N GLN D 51 8.43 -27.51 -23.28
CA GLN D 51 8.58 -28.88 -23.74
C GLN D 51 9.09 -28.96 -25.17
N ARG D 52 8.70 -28.03 -26.04
CA ARG D 52 9.17 -28.07 -27.42
C ARG D 52 10.63 -27.66 -27.52
N ASN D 53 11.01 -26.59 -26.82
CA ASN D 53 12.36 -26.06 -26.93
C ASN D 53 13.39 -26.85 -26.15
N HIS D 54 12.96 -27.75 -25.27
CA HIS D 54 13.89 -28.55 -24.48
C HIS D 54 13.54 -30.02 -24.53
N GLU D 55 12.96 -30.46 -25.65
CA GLU D 55 12.60 -31.87 -25.76
C GLU D 55 13.83 -32.76 -25.75
N THR D 56 14.92 -32.31 -26.37
CA THR D 56 16.16 -33.08 -26.36
C THR D 56 16.62 -33.33 -24.93
N ALA D 57 16.73 -32.26 -24.13
CA ALA D 57 17.11 -32.43 -22.74
C ALA D 57 16.06 -33.21 -21.97
N PHE D 58 14.78 -32.95 -22.24
CA PHE D 58 13.74 -33.58 -21.45
C PHE D 58 13.70 -35.09 -21.68
N GLN D 59 13.84 -35.58 -22.93
CA GLN D 59 13.94 -37.03 -23.13
C GLN D 59 15.21 -37.65 -22.63
N GLY D 60 16.35 -36.99 -22.68
CA GLY D 60 17.50 -37.60 -22.04
C GLY D 60 17.25 -37.76 -20.57
N MET D 61 16.64 -36.75 -19.95
CA MET D 61 16.26 -36.86 -18.55
C MET D 61 15.25 -37.98 -18.31
N LEU D 62 14.24 -38.10 -19.18
CA LEU D 62 13.20 -39.12 -18.95
C LEU D 62 13.73 -40.55 -19.07
N ARG D 63 14.54 -40.86 -20.11
CA ARG D 63 15.03 -42.22 -20.19
C ARG D 63 15.96 -42.54 -19.01
N LYS D 64 16.78 -41.59 -18.58
CA LYS D 64 17.64 -41.97 -17.46
C LYS D 64 16.91 -41.98 -16.14
N LEU D 65 15.83 -41.23 -16.01
CA LEU D 65 15.10 -41.30 -14.76
C LEU D 65 14.30 -42.59 -14.68
N ASP D 66 13.92 -43.15 -15.82
CA ASP D 66 13.23 -44.43 -15.93
C ASP D 66 12.06 -44.54 -14.97
N ILE D 67 11.06 -43.70 -15.22
CA ILE D 67 9.84 -43.66 -14.43
C ILE D 67 8.86 -44.62 -15.10
N LYS D 68 8.71 -45.81 -14.51
CA LYS D 68 7.94 -46.92 -15.07
C LYS D 68 6.63 -47.18 -14.34
N ASN D 69 6.67 -47.13 -13.01
CA ASN D 69 5.54 -47.53 -12.18
C ASN D 69 5.20 -46.41 -11.20
N GLU D 70 4.35 -46.69 -10.21
CA GLU D 70 3.88 -45.63 -9.33
C GLU D 70 4.88 -45.24 -8.26
N ASP D 71 5.79 -46.14 -7.87
CA ASP D 71 6.78 -45.74 -6.87
C ASP D 71 7.92 -44.93 -7.47
N ASP D 72 8.06 -44.90 -8.80
CA ASP D 72 9.04 -44.04 -9.46
C ASP D 72 8.55 -42.60 -9.60
N VAL D 73 7.28 -42.35 -9.30
CA VAL D 73 6.72 -41.02 -9.48
C VAL D 73 7.22 -40.07 -8.40
N LYS D 74 7.62 -40.59 -7.26
CA LYS D 74 8.28 -39.81 -6.21
C LYS D 74 9.67 -39.33 -6.62
N SER D 75 10.24 -39.87 -7.69
CA SER D 75 11.56 -39.39 -8.11
C SER D 75 11.50 -37.93 -8.57
N LEU D 76 10.38 -37.49 -9.17
CA LEU D 76 10.26 -36.10 -9.60
C LEU D 76 10.13 -35.18 -8.40
N SER D 77 9.72 -35.75 -7.27
CA SER D 77 9.64 -35.07 -5.99
C SER D 77 11.04 -34.69 -5.54
N ARG D 78 11.94 -35.68 -5.60
CA ARG D 78 13.35 -35.52 -5.28
C ARG D 78 14.08 -34.61 -6.27
N VAL D 79 13.72 -34.67 -7.55
CA VAL D 79 14.30 -33.73 -8.50
C VAL D 79 13.95 -32.30 -8.11
N MET D 80 12.70 -32.07 -7.69
CA MET D 80 12.28 -30.74 -7.25
C MET D 80 13.09 -30.26 -6.06
N ILE D 81 13.31 -31.13 -5.08
CA ILE D 81 14.06 -30.73 -3.88
C ILE D 81 15.48 -30.33 -4.27
N HIS D 82 16.09 -31.08 -5.20
CA HIS D 82 17.42 -30.71 -5.67
C HIS D 82 17.39 -29.38 -6.42
N VAL D 83 16.33 -29.13 -7.20
CA VAL D 83 16.23 -27.86 -7.93
C VAL D 83 16.28 -26.68 -6.95
N PHE D 84 15.58 -26.80 -5.83
CA PHE D 84 15.45 -25.71 -4.88
C PHE D 84 16.56 -25.68 -3.84
N SER D 85 17.52 -26.62 -3.87
CA SER D 85 18.52 -26.70 -2.81
C SER D 85 19.48 -25.51 -2.80
N ASP D 86 19.49 -24.66 -3.82
CA ASP D 86 20.33 -23.47 -3.78
C ASP D 86 19.65 -22.29 -3.10
N GLY D 87 18.40 -22.45 -2.67
CA GLY D 87 17.68 -21.39 -1.99
C GLY D 87 16.91 -20.45 -2.88
N VAL D 88 17.04 -20.58 -4.20
CA VAL D 88 16.35 -19.70 -5.15
C VAL D 88 14.98 -20.30 -5.48
N THR D 89 13.95 -19.47 -5.40
CA THR D 89 12.60 -19.83 -5.84
C THR D 89 12.13 -18.77 -6.83
N ASN D 90 11.67 -19.20 -8.01
CA ASN D 90 11.03 -18.27 -8.94
C ASN D 90 10.05 -19.05 -9.81
N TRP D 91 9.23 -18.30 -10.55
CA TRP D 91 8.18 -18.93 -11.36
C TRP D 91 8.75 -19.69 -12.56
N GLY D 92 9.89 -19.27 -13.08
CA GLY D 92 10.48 -20.00 -14.20
C GLY D 92 10.83 -21.43 -13.82
N ARG D 93 11.37 -21.62 -12.62
CA ARG D 93 11.67 -22.97 -12.14
C ARG D 93 10.39 -23.76 -11.90
N ILE D 94 9.38 -23.11 -11.33
CA ILE D 94 8.12 -23.79 -11.03
C ILE D 94 7.45 -24.27 -12.31
N VAL D 95 7.31 -23.36 -13.29
CA VAL D 95 6.65 -23.74 -14.55
C VAL D 95 7.47 -24.80 -15.28
N THR D 96 8.80 -24.79 -15.13
CA THR D 96 9.63 -25.77 -15.81
C THR D 96 9.45 -27.16 -15.19
N LEU D 97 9.29 -27.22 -13.87
CA LEU D 97 9.00 -28.50 -13.21
C LEU D 97 7.64 -29.04 -13.63
N ILE D 98 6.64 -28.15 -13.72
CA ILE D 98 5.31 -28.59 -14.15
C ILE D 98 5.35 -29.03 -15.61
N SER D 99 6.15 -28.36 -16.43
CA SER D 99 6.24 -28.76 -17.84
C SER D 99 6.94 -30.11 -17.98
N PHE D 100 7.92 -30.38 -17.13
CA PHE D 100 8.51 -31.71 -17.15
C PHE D 100 7.55 -32.75 -16.58
N GLY D 101 6.71 -32.34 -15.62
CA GLY D 101 5.66 -33.24 -15.14
C GLY D 101 4.70 -33.64 -16.25
N ALA D 102 4.32 -32.68 -17.10
CA ALA D 102 3.48 -33.00 -18.24
C ALA D 102 4.21 -33.92 -19.20
N PHE D 103 5.51 -33.68 -19.38
CA PHE D 103 6.32 -34.49 -20.27
C PHE D 103 6.38 -35.94 -19.80
N VAL D 104 6.50 -36.13 -18.48
CA VAL D 104 6.48 -37.48 -17.95
C VAL D 104 5.10 -38.08 -18.09
N ALA D 105 4.06 -37.26 -17.98
CA ALA D 105 2.68 -37.74 -18.06
C ALA D 105 2.36 -38.28 -19.45
N LYS D 106 2.83 -37.60 -20.50
CA LYS D 106 2.61 -38.12 -21.85
C LYS D 106 3.25 -39.49 -22.03
N HIS D 107 4.45 -39.66 -21.49
CA HIS D 107 5.12 -40.95 -21.59
C HIS D 107 4.42 -42.03 -20.76
N LEU D 108 3.82 -41.67 -19.63
CA LEU D 108 3.18 -42.66 -18.77
C LEU D 108 1.96 -43.27 -19.45
N LYS D 109 1.15 -42.45 -20.14
CA LYS D 109 0.04 -43.01 -20.89
C LYS D 109 0.53 -43.82 -22.09
N THR D 110 1.69 -43.47 -22.64
CA THR D 110 2.22 -44.19 -23.79
C THR D 110 2.66 -45.60 -23.43
N ILE D 111 2.94 -45.86 -22.15
CA ILE D 111 3.23 -47.20 -21.68
C ILE D 111 2.04 -47.79 -20.91
N ASN D 112 0.86 -47.24 -21.12
CA ASN D 112 -0.37 -47.61 -20.42
C ASN D 112 -0.13 -47.79 -18.92
N GLN D 113 0.41 -46.73 -18.32
CA GLN D 113 0.52 -46.59 -16.87
C GLN D 113 -0.07 -45.26 -16.42
N GLU D 114 -1.07 -44.79 -17.16
CA GLU D 114 -1.83 -43.56 -16.91
C GLU D 114 -2.49 -43.53 -15.54
N SER D 115 -2.60 -44.67 -14.85
CA SER D 115 -2.99 -44.66 -13.45
C SER D 115 -2.04 -43.81 -12.61
N CYS D 116 -0.79 -43.62 -13.05
CA CYS D 116 0.24 -42.96 -12.29
C CYS D 116 0.22 -41.44 -12.42
N ILE D 117 -0.59 -40.91 -13.34
CA ILE D 117 -0.56 -39.48 -13.63
C ILE D 117 -1.10 -38.69 -12.44
N GLU D 118 -2.22 -39.11 -11.86
CA GLU D 118 -2.78 -38.40 -10.72
C GLU D 118 -1.84 -38.48 -9.51
N PRO D 119 -1.25 -39.64 -9.20
CA PRO D 119 -0.20 -39.63 -8.16
C PRO D 119 0.95 -38.69 -8.48
N LEU D 120 1.30 -38.53 -9.75
CA LEU D 120 2.36 -37.59 -10.12
C LEU D 120 1.93 -36.14 -9.88
N ALA D 121 0.70 -35.80 -10.29
CA ALA D 121 0.18 -34.46 -10.04
C ALA D 121 0.07 -34.18 -8.54
N GLU D 122 -0.26 -35.20 -7.75
CA GLU D 122 -0.31 -35.03 -6.31
C GLU D 122 1.09 -34.89 -5.72
N SER D 123 2.08 -35.56 -6.30
CA SER D 123 3.44 -35.45 -5.79
C SER D 123 4.07 -34.11 -6.15
N ILE D 124 3.79 -33.59 -7.34
CA ILE D 124 4.29 -32.26 -7.70
C ILE D 124 3.64 -31.20 -6.82
N THR D 125 2.32 -31.30 -6.62
CA THR D 125 1.61 -30.30 -5.84
C THR D 125 2.02 -30.34 -4.38
N ASP D 126 2.25 -31.53 -3.83
CA ASP D 126 2.57 -31.63 -2.41
C ASP D 126 3.88 -30.93 -2.10
N VAL D 127 4.93 -31.23 -2.87
CA VAL D 127 6.23 -30.60 -2.65
C VAL D 127 6.13 -29.09 -2.85
N LEU D 128 5.46 -28.67 -3.93
CA LEU D 128 5.32 -27.24 -4.21
C LEU D 128 4.62 -26.52 -3.06
N VAL D 129 3.46 -27.02 -2.64
CA VAL D 129 2.67 -26.31 -1.65
C VAL D 129 3.29 -26.43 -0.26
N ARG D 130 3.74 -27.63 0.12
CA ARG D 130 4.26 -27.83 1.47
C ARG D 130 5.57 -27.06 1.68
N THR D 131 6.51 -27.17 0.73
CA THR D 131 7.83 -26.58 0.89
C THR D 131 7.92 -25.12 0.49
N LYS D 132 6.92 -24.57 -0.23
CA LYS D 132 7.01 -23.18 -0.68
C LYS D 132 5.72 -22.43 -0.45
N ARG D 133 4.92 -22.84 0.55
CA ARG D 133 3.63 -22.19 0.80
C ARG D 133 3.76 -20.68 0.96
N ASP D 134 4.59 -20.23 1.90
CA ASP D 134 4.64 -18.80 2.20
C ASP D 134 5.22 -17.99 1.05
N TRP D 135 6.15 -18.57 0.29
CA TRP D 135 6.61 -17.90 -0.94
C TRP D 135 5.45 -17.72 -1.91
N LEU D 136 4.68 -18.79 -2.14
CA LEU D 136 3.52 -18.70 -3.03
C LEU D 136 2.54 -17.64 -2.57
N VAL D 137 2.26 -17.57 -1.26
CA VAL D 137 1.30 -16.61 -0.75
C VAL D 137 1.79 -15.17 -0.97
N LYS D 138 3.08 -14.92 -0.74
CA LYS D 138 3.60 -13.56 -0.91
C LYS D 138 3.73 -13.19 -2.39
N GLN D 139 3.83 -14.17 -3.25
CA GLN D 139 3.82 -13.91 -4.69
C GLN D 139 2.41 -13.89 -5.27
N ARG D 140 1.38 -13.78 -4.42
CA ARG D 140 -0.02 -13.70 -4.83
C ARG D 140 -0.49 -14.97 -5.52
N GLY D 141 0.05 -16.11 -5.09
CA GLY D 141 -0.41 -17.41 -5.57
C GLY D 141 -0.43 -17.53 -7.08
N TRP D 142 -1.43 -18.24 -7.59
CA TRP D 142 -1.53 -18.45 -9.02
C TRP D 142 -1.90 -17.19 -9.78
N ASP D 143 -2.41 -16.17 -9.08
CA ASP D 143 -2.63 -14.88 -9.73
C ASP D 143 -1.30 -14.22 -10.08
N GLY D 144 -0.29 -14.35 -9.21
CA GLY D 144 1.02 -13.83 -9.55
C GLY D 144 1.72 -14.65 -10.62
N PHE D 145 1.49 -15.97 -10.61
CA PHE D 145 2.01 -16.83 -11.67
C PHE D 145 1.44 -16.43 -13.02
N VAL D 146 0.13 -16.17 -13.08
CA VAL D 146 -0.48 -15.76 -14.34
C VAL D 146 0.11 -14.44 -14.80
N GLU D 147 0.21 -13.46 -13.91
CA GLU D 147 0.77 -12.21 -14.37
C GLU D 147 2.26 -12.26 -14.71
N PHE D 148 3.07 -13.08 -14.03
CA PHE D 148 4.48 -13.08 -14.36
C PHE D 148 4.66 -13.46 -15.82
N PHE D 149 3.81 -14.36 -16.33
CA PHE D 149 3.88 -14.87 -17.70
C PHE D 149 2.85 -14.24 -18.65
N HIS D 150 2.30 -13.08 -18.31
CA HIS D 150 1.26 -12.49 -19.15
C HIS D 150 1.85 -11.80 -20.38
N VAL D 151 1.07 -11.80 -21.47
CA VAL D 151 1.45 -11.18 -22.73
C VAL D 151 0.92 -9.74 -22.74
N SER D 152 1.80 -8.80 -23.00
CA SER D 152 1.41 -7.39 -23.04
C SER D 152 1.23 -6.90 -24.47
N ASP E 2 -26.65 2.54 20.20
CA ASP E 2 -25.80 2.13 21.30
C ASP E 2 -24.84 3.24 21.72
N ALA E 3 -24.17 3.05 22.85
CA ALA E 3 -23.11 3.95 23.27
C ALA E 3 -21.73 3.47 22.85
N LYS E 4 -21.58 2.18 22.55
CA LYS E 4 -20.32 1.68 22.00
C LYS E 4 -20.11 2.21 20.59
N LYS E 5 -21.19 2.31 19.81
CA LYS E 5 -21.10 2.89 18.47
C LYS E 5 -20.59 4.32 18.51
N VAL E 6 -21.06 5.11 19.48
CA VAL E 6 -20.61 6.48 19.60
C VAL E 6 -19.13 6.52 19.96
N ALA E 7 -18.70 5.65 20.88
CA ALA E 7 -17.29 5.61 21.25
C ALA E 7 -16.43 5.02 20.14
N LYS E 8 -16.92 3.98 19.48
CA LYS E 8 -16.13 3.33 18.43
C LYS E 8 -15.96 4.24 17.23
N LYS E 9 -16.99 5.00 16.87
CA LYS E 9 -16.86 5.96 15.77
C LYS E 9 -15.80 7.01 16.08
N ALA E 10 -15.84 7.57 17.30
CA ALA E 10 -14.86 8.60 17.67
C ALA E 10 -13.45 8.03 17.72
N ALA E 11 -13.29 6.79 18.16
CA ALA E 11 -11.98 6.16 18.16
C ALA E 11 -11.48 5.92 16.74
N ILE E 12 -12.36 5.49 15.84
CA ILE E 12 -11.95 5.24 14.46
C ILE E 12 -11.58 6.54 13.78
N GLN E 13 -12.35 7.61 14.02
CA GLN E 13 -12.06 8.88 13.39
C GLN E 13 -10.75 9.47 13.89
N ALA E 14 -10.49 9.40 15.20
CA ALA E 14 -9.24 9.93 15.73
C ALA E 14 -8.03 9.17 15.19
N ALA E 15 -8.13 7.84 15.13
CA ALA E 15 -7.03 7.05 14.59
C ALA E 15 -6.84 7.31 13.10
N ARG E 16 -7.94 7.44 12.37
CA ARG E 16 -7.87 7.77 10.95
C ARG E 16 -7.11 9.08 10.74
N ARG E 17 -7.43 10.11 11.52
CA ARG E 17 -6.84 11.41 11.29
C ARG E 17 -5.36 11.45 11.67
N ILE E 18 -4.99 10.76 12.75
CA ILE E 18 -3.59 10.71 13.13
C ILE E 18 -2.77 9.89 12.13
N THR E 19 -3.34 8.79 11.61
CA THR E 19 -2.62 8.04 10.60
C THR E 19 -2.43 8.88 9.34
N GLU E 20 -3.44 9.65 8.95
CA GLU E 20 -3.31 10.50 7.77
C GLU E 20 -2.30 11.62 8.00
N LEU E 21 -2.24 12.16 9.21
CA LEU E 21 -1.27 13.20 9.51
C LEU E 21 0.16 12.66 9.39
N ALA E 22 0.41 11.47 9.93
CA ALA E 22 1.75 10.89 9.80
C ALA E 22 2.11 10.66 8.33
N GLN E 23 1.15 10.22 7.52
CA GLN E 23 1.45 9.94 6.12
C GLN E 23 1.75 11.21 5.33
N VAL E 24 1.00 12.29 5.58
CA VAL E 24 1.24 13.53 4.86
C VAL E 24 2.57 14.16 5.29
N LEU E 25 2.91 14.05 6.58
CA LEU E 25 4.19 14.57 7.06
C LEU E 25 5.36 13.79 6.44
N VAL E 26 5.18 12.49 6.21
CA VAL E 26 6.23 11.70 5.56
C VAL E 26 6.46 12.20 4.14
N GLU E 27 5.38 12.47 3.40
CA GLU E 27 5.52 12.93 2.03
C GLU E 27 6.09 14.34 1.98
N LEU E 28 5.76 15.19 2.96
CA LEU E 28 6.32 16.54 2.99
C LEU E 28 7.82 16.50 3.27
N LEU E 29 8.27 15.56 4.11
CA LEU E 29 9.70 15.44 4.37
C LEU E 29 10.44 14.98 3.13
N LYS E 30 9.87 14.06 2.36
CA LYS E 30 10.54 13.64 1.13
C LYS E 30 10.67 14.80 0.17
N GLU E 31 9.68 15.68 0.13
CA GLU E 31 9.75 16.86 -0.74
C GLU E 31 10.79 17.84 -0.24
N ALA E 32 10.98 17.97 1.06
CA ALA E 32 11.95 18.91 1.59
C ALA E 32 13.39 18.43 1.39
N LEU E 33 13.59 17.15 1.11
CA LEU E 33 14.92 16.61 0.89
C LEU E 33 15.34 16.65 -0.58
N LYS E 34 14.45 17.05 -1.48
CA LYS E 34 14.82 17.17 -2.89
C LYS E 34 15.89 18.22 -3.07
N LEU E 35 16.86 17.92 -3.95
CA LEU E 35 18.00 18.80 -4.12
C LEU E 35 17.64 20.13 -4.80
N ASP E 36 16.62 20.13 -5.65
CA ASP E 36 16.19 21.34 -6.33
C ASP E 36 15.33 22.24 -5.46
N LEU E 37 15.31 22.03 -4.14
CA LEU E 37 14.38 22.75 -3.28
C LEU E 37 14.71 24.23 -3.26
N THR E 38 13.71 25.03 -3.56
CA THR E 38 13.86 26.48 -3.60
C THR E 38 13.33 27.10 -2.33
N GLN E 39 13.31 28.43 -2.30
CA GLN E 39 12.94 29.09 -1.05
C GLN E 39 11.42 29.20 -0.87
N GLU E 40 10.63 29.44 -1.93
CA GLU E 40 9.19 29.35 -1.68
C GLU E 40 8.74 27.90 -1.55
N MET E 41 9.42 26.98 -2.27
CA MET E 41 9.05 25.58 -2.11
C MET E 41 9.16 25.16 -0.65
N ARG E 42 10.21 25.61 0.03
CA ARG E 42 10.32 25.35 1.46
C ARG E 42 9.24 26.09 2.25
N LYS E 43 8.95 27.34 1.88
CA LYS E 43 7.95 28.11 2.61
C LYS E 43 6.55 27.52 2.44
N LYS E 44 6.23 27.02 1.24
CA LYS E 44 4.92 26.41 1.04
C LYS E 44 4.83 25.05 1.74
N LEU E 45 5.93 24.29 1.75
CA LEU E 45 5.95 23.03 2.49
C LEU E 45 5.69 23.27 3.97
N ILE E 46 6.24 24.36 4.52
CA ILE E 46 6.00 24.66 5.92
C ILE E 46 4.54 25.02 6.14
N GLU E 47 3.95 25.79 5.23
CA GLU E 47 2.54 26.12 5.35
C GLU E 47 1.67 24.87 5.20
N ARG E 48 2.09 23.91 4.38
CA ARG E 48 1.33 22.67 4.23
C ARG E 48 1.48 21.80 5.48
N TYR E 49 2.63 21.84 6.13
CA TYR E 49 2.81 21.13 7.40
C TYR E 49 1.92 21.72 8.48
N ALA E 50 1.87 23.06 8.58
CA ALA E 50 1.01 23.69 9.57
C ALA E 50 -0.47 23.42 9.28
N ALA E 51 -0.83 23.40 8.00
CA ALA E 51 -2.21 23.05 7.64
C ALA E 51 -2.51 21.60 7.98
N ALA E 52 -1.55 20.70 7.77
CA ALA E 52 -1.74 19.30 8.12
C ALA E 52 -1.98 19.12 9.62
N ILE E 53 -1.23 19.84 10.45
CA ILE E 53 -1.45 19.76 11.89
C ILE E 53 -2.80 20.34 12.27
N ILE E 54 -3.12 21.53 11.72
CA ILE E 54 -4.38 22.20 12.05
C ILE E 54 -5.56 21.36 11.60
N ARG E 55 -5.45 20.74 10.42
CA ARG E 55 -6.51 19.86 9.92
C ARG E 55 -6.69 18.67 10.84
N ALA E 56 -5.59 18.02 11.25
CA ALA E 56 -5.68 16.90 12.16
C ALA E 56 -6.34 17.29 13.48
N ILE E 57 -5.87 18.39 14.08
CA ILE E 57 -6.44 18.84 15.35
C ILE E 57 -7.92 19.18 15.18
N GLY E 58 -8.25 19.88 14.09
CA GLY E 58 -9.63 20.28 13.88
C GLY E 58 -10.58 19.11 13.68
N ASP E 59 -10.13 18.07 12.97
CA ASP E 59 -11.00 16.92 12.72
C ASP E 59 -11.15 16.04 13.95
N ILE E 60 -10.10 15.93 14.75
CA ILE E 60 -10.20 15.21 16.03
C ILE E 60 -11.12 15.97 16.98
N ASN E 61 -10.95 17.29 17.06
CA ASN E 61 -11.83 18.12 17.87
C ASN E 61 -13.29 17.99 17.43
N ASN E 62 -13.53 17.99 16.12
CA ASN E 62 -14.88 17.86 15.60
C ASN E 62 -15.49 16.50 15.98
N ALA E 63 -14.70 15.43 15.87
CA ALA E 63 -15.22 14.10 16.17
C ALA E 63 -15.56 13.95 17.65
N ILE E 64 -14.74 14.52 18.53
CA ILE E 64 -15.00 14.40 19.96
C ILE E 64 -16.26 15.17 20.35
N TYR E 65 -16.43 16.38 19.82
CA TYR E 65 -17.62 17.16 20.14
C TYR E 65 -18.87 16.56 19.50
N GLN E 66 -18.73 15.97 18.32
CA GLN E 66 -19.89 15.30 17.71
C GLN E 66 -20.28 14.04 18.48
N ALA E 67 -19.29 13.33 19.03
CA ALA E 67 -19.60 12.14 19.84
C ALA E 67 -20.29 12.53 21.13
N LYS E 68 -19.90 13.66 21.72
CA LYS E 68 -20.56 14.12 22.94
C LYS E 68 -22.01 14.54 22.65
N GLN E 69 -22.28 14.99 21.44
CA GLN E 69 -23.64 15.37 21.07
C GLN E 69 -24.54 14.14 20.97
N GLU E 70 -24.08 13.11 20.25
CA GLU E 70 -24.85 11.88 20.16
C GLU E 70 -24.97 11.20 21.52
N ALA E 71 -23.95 11.33 22.36
CA ALA E 71 -24.03 10.79 23.72
C ALA E 71 -25.13 11.47 24.52
N GLU E 72 -25.12 12.80 24.55
CA GLU E 72 -26.11 13.53 25.33
C GLU E 72 -27.53 13.23 24.86
N LYS E 73 -27.71 13.08 23.55
CA LYS E 73 -29.03 12.78 23.01
C LYS E 73 -29.47 11.35 23.28
N LEU E 74 -28.53 10.47 23.60
CA LEU E 74 -28.91 9.11 24.01
C LEU E 74 -29.44 9.08 25.43
N LYS E 75 -28.97 10.00 26.28
CA LYS E 75 -29.49 10.06 27.65
C LYS E 75 -30.95 10.51 27.68
N LYS E 76 -31.28 11.56 26.93
CA LYS E 76 -32.66 12.04 26.90
C LYS E 76 -33.56 11.09 26.13
N ALA E 77 -32.97 10.19 25.32
CA ALA E 77 -33.74 9.15 24.65
C ALA E 77 -33.90 7.92 25.54
N GLY E 78 -33.36 7.95 26.76
CA GLY E 78 -33.47 6.86 27.69
C GLY E 78 -32.65 5.64 27.34
N LEU E 79 -31.71 5.75 26.41
CA LEU E 79 -30.89 4.62 26.03
C LEU E 79 -29.62 4.49 26.85
N VAL E 80 -29.37 5.40 27.80
CA VAL E 80 -28.24 5.18 28.70
C VAL E 80 -28.55 5.99 29.97
N ASP E 81 -28.02 5.55 31.10
CA ASP E 81 -28.28 6.27 32.35
C ASP E 81 -27.15 7.24 32.66
N SER E 82 -27.30 7.95 33.79
CA SER E 82 -26.36 9.00 34.14
C SER E 82 -24.96 8.47 34.42
N ASP E 83 -24.86 7.31 35.07
CA ASP E 83 -23.54 6.77 35.40
C ASP E 83 -22.83 6.26 34.15
N GLN E 84 -23.59 5.69 33.21
CA GLN E 84 -23.01 5.21 31.97
C GLN E 84 -22.56 6.35 31.07
N LEU E 85 -23.26 7.51 31.09
CA LEU E 85 -22.88 8.61 30.20
C LEU E 85 -21.59 9.30 30.66
N ASP E 86 -21.42 9.50 31.95
CA ASP E 86 -20.10 9.95 32.38
C ASP E 86 -19.02 8.88 32.27
N ALA E 87 -19.37 7.62 32.01
CA ALA E 87 -18.31 6.70 31.60
C ALA E 87 -17.93 6.93 30.14
N LEU E 88 -18.93 7.24 29.29
CA LEU E 88 -18.65 7.50 27.88
C LEU E 88 -17.94 8.84 27.68
N LEU E 89 -18.36 9.89 28.40
CA LEU E 89 -17.71 11.19 28.23
C LEU E 89 -16.28 11.16 28.72
N ARG E 90 -15.99 10.38 29.76
CA ARG E 90 -14.62 10.26 30.24
C ARG E 90 -13.77 9.48 29.25
N ALA E 91 -14.38 8.54 28.53
CA ALA E 91 -13.65 7.81 27.51
C ALA E 91 -13.32 8.69 26.31
N LEU E 92 -14.25 9.58 25.91
CA LEU E 92 -13.99 10.50 24.80
C LEU E 92 -13.00 11.59 25.17
N ASP E 93 -12.97 12.01 26.44
CA ASP E 93 -11.96 12.98 26.89
C ASP E 93 -10.58 12.34 26.92
N GLU E 94 -10.51 11.06 27.30
CA GLU E 94 -9.26 10.30 27.27
C GLU E 94 -8.86 10.01 25.83
N LEU E 95 -9.83 9.85 24.93
CA LEU E 95 -9.53 9.80 23.51
C LEU E 95 -8.94 11.11 23.01
N GLN E 96 -9.53 12.22 23.46
CA GLN E 96 -9.07 13.55 23.08
C GLN E 96 -7.61 13.78 23.47
N LYS E 97 -7.21 13.39 24.68
CA LYS E 97 -5.85 13.70 25.14
C LYS E 97 -4.80 12.83 24.45
N VAL E 98 -5.12 11.56 24.15
CA VAL E 98 -4.11 10.75 23.47
C VAL E 98 -3.97 11.16 22.03
N ALA E 99 -5.09 11.53 21.38
CA ALA E 99 -5.00 11.97 20.00
C ALA E 99 -4.28 13.32 19.90
N SER E 100 -4.48 14.19 20.87
CA SER E 100 -3.78 15.47 20.89
C SER E 100 -2.28 15.28 21.10
N LYS E 101 -1.89 14.43 22.05
CA LYS E 101 -0.45 14.18 22.25
C LYS E 101 0.18 13.53 21.04
N ALA E 102 -0.56 12.67 20.34
CA ALA E 102 -0.02 12.08 19.12
C ALA E 102 0.19 13.16 18.05
N ALA E 103 -0.73 14.12 17.97
CA ALA E 103 -0.56 15.21 17.02
C ALA E 103 0.61 16.09 17.42
N ASN E 104 0.75 16.37 18.72
CA ASN E 104 1.90 17.16 19.17
C ASN E 104 3.21 16.44 18.89
N GLN E 105 3.24 15.11 19.06
CA GLN E 105 4.48 14.38 18.83
C GLN E 105 4.83 14.33 17.36
N LEU E 106 3.82 14.24 16.49
CA LEU E 106 4.09 14.23 15.05
C LEU E 106 4.53 15.61 14.56
N GLY E 107 3.98 16.67 15.14
CA GLY E 107 4.44 18.00 14.80
C GLY E 107 5.88 18.23 15.20
N ARG E 108 6.25 17.83 16.42
CA ARG E 108 7.64 17.96 16.84
C ARG E 108 8.56 17.05 16.04
N LEU E 109 8.11 15.83 15.71
CA LEU E 109 8.95 14.94 14.92
C LEU E 109 9.29 15.56 13.57
N PHE E 110 8.30 16.18 12.92
CA PHE E 110 8.55 16.83 11.65
C PHE E 110 9.41 18.07 11.82
N GLU E 111 9.20 18.80 12.92
CA GLU E 111 10.02 19.98 13.18
C GLU E 111 11.49 19.62 13.32
N GLU E 112 11.79 18.57 14.09
CA GLU E 112 13.18 18.15 14.26
C GLU E 112 13.77 17.61 12.97
N ALA E 113 12.95 17.02 12.10
CA ALA E 113 13.49 16.53 10.84
C ALA E 113 13.88 17.69 9.94
N LEU E 114 13.09 18.77 9.96
CA LEU E 114 13.40 19.94 9.16
C LEU E 114 14.65 20.67 9.67
N LYS E 115 14.82 20.74 10.99
CA LYS E 115 15.92 21.52 11.56
C LYS E 115 17.28 20.94 11.18
N ARG E 116 17.32 19.70 10.71
CA ARG E 116 18.52 19.14 10.10
C ARG E 116 18.42 19.20 8.57
N LYS E 127 19.08 10.93 2.80
CA LYS E 127 18.12 11.03 1.70
C LYS E 127 16.89 10.18 1.99
N ASP E 128 16.86 8.97 1.45
CA ASP E 128 15.77 8.04 1.74
C ASP E 128 15.89 7.53 3.18
N ARG E 129 17.12 7.24 3.61
CA ARG E 129 17.34 6.68 4.94
C ARG E 129 16.90 7.67 6.03
N THR E 130 17.12 8.98 5.83
CA THR E 130 16.40 9.98 6.62
C THR E 130 14.87 9.94 6.45
N ALA E 131 14.36 9.74 5.24
CA ALA E 131 12.92 9.70 5.09
C ALA E 131 12.34 8.45 5.73
N LYS E 132 13.01 7.30 5.60
CA LYS E 132 12.45 6.07 6.14
C LYS E 132 12.65 5.95 7.65
N TRP E 133 13.63 6.62 8.23
CA TRP E 133 13.71 6.64 9.69
C TRP E 133 12.62 7.53 10.28
N PHE E 134 12.37 8.68 9.65
CA PHE E 134 11.23 9.49 10.05
C PHE E 134 9.92 8.73 9.87
N GLU E 135 9.78 8.03 8.74
CA GLU E 135 8.58 7.22 8.52
C GLU E 135 8.43 6.15 9.60
N PHE E 136 9.54 5.56 10.02
CA PHE E 136 9.53 4.56 11.07
C PHE E 136 9.03 5.16 12.39
N GLU E 137 9.55 6.33 12.75
CA GLU E 137 9.14 6.97 14.00
C GLU E 137 7.71 7.47 13.93
N ALA E 138 7.28 7.96 12.77
CA ALA E 138 5.90 8.45 12.64
C ALA E 138 4.92 7.28 12.65
N ARG E 139 5.31 6.15 12.04
CA ARG E 139 4.48 4.96 12.09
C ARG E 139 4.28 4.47 13.52
N ALA E 140 5.34 4.49 14.32
CA ALA E 140 5.22 4.05 15.71
C ALA E 140 4.24 4.93 16.48
N ILE E 141 4.29 6.25 16.26
CA ILE E 141 3.36 7.13 16.95
C ILE E 141 1.92 6.83 16.53
N GLU E 142 1.67 6.71 15.23
CA GLU E 142 0.29 6.51 14.77
C GLU E 142 -0.22 5.13 15.13
N ILE E 143 0.63 4.10 15.09
CA ILE E 143 0.19 2.77 15.50
C ILE E 143 -0.08 2.74 17.00
N ALA E 144 0.76 3.44 17.77
CA ALA E 144 0.55 3.49 19.21
C ALA E 144 -0.74 4.22 19.55
N LEU E 145 -1.10 5.23 18.76
CA LEU E 145 -2.36 5.91 19.02
C LEU E 145 -3.56 5.04 18.66
N ARG E 146 -3.51 4.33 17.51
CA ARG E 146 -4.60 3.44 17.14
C ARG E 146 -4.89 2.43 18.24
N LEU E 147 -3.84 1.83 18.80
CA LEU E 147 -4.01 0.84 19.86
C LEU E 147 -4.55 1.47 21.13
N ALA E 148 -4.11 2.69 21.45
CA ALA E 148 -4.61 3.36 22.63
C ALA E 148 -6.08 3.73 22.50
N ALA E 149 -6.53 4.01 21.28
CA ALA E 149 -7.94 4.36 21.05
C ALA E 149 -8.84 3.15 21.14
N ILE E 150 -8.42 2.03 20.53
CA ILE E 150 -9.19 0.79 20.63
C ILE E 150 -9.22 0.31 22.07
N GLY E 151 -8.12 0.50 22.80
CA GLY E 151 -8.09 0.13 24.21
C GLY E 151 -9.07 0.93 25.06
N ASP E 152 -9.31 2.18 24.71
CA ASP E 152 -10.27 2.97 25.48
C ASP E 152 -11.70 2.50 25.25
N VAL E 153 -12.00 1.96 24.06
CA VAL E 153 -13.31 1.36 23.85
C VAL E 153 -13.41 0.04 24.62
N PHE E 154 -12.30 -0.69 24.74
CA PHE E 154 -12.28 -1.87 25.60
C PHE E 154 -12.47 -1.49 27.06
N ASP E 155 -11.77 -0.45 27.52
CA ASP E 155 -11.91 0.00 28.91
C ASP E 155 -13.32 0.49 29.19
N LEU E 156 -14.01 1.02 28.18
CA LEU E 156 -15.38 1.46 28.39
C LEU E 156 -16.32 0.27 28.53
N GLU E 157 -16.07 -0.79 27.77
CA GLU E 157 -16.89 -1.99 27.84
C GLU E 157 -16.75 -2.67 29.18
N LYS E 158 -15.63 -2.43 29.86
CA LYS E 158 -15.37 -3.04 31.15
C LYS E 158 -15.71 -2.12 32.32
N GLU E 159 -16.09 -0.84 32.08
CA GLU E 159 -16.89 -0.25 33.16
C GLU E 159 -18.37 -0.19 32.85
N TRP E 160 -18.79 -0.42 31.60
CA TRP E 160 -20.21 -0.65 31.38
C TRP E 160 -20.63 -1.90 32.11
N ARG E 161 -19.65 -2.77 32.33
CA ARG E 161 -19.74 -4.02 33.06
C ARG E 161 -19.74 -3.88 34.57
N LYS E 162 -19.20 -2.81 35.11
CA LYS E 162 -19.31 -2.61 36.55
C LYS E 162 -20.67 -1.97 36.82
N ASP F 2 -21.70 43.63 4.24
CA ASP F 2 -22.49 42.41 4.45
C ASP F 2 -22.39 41.95 5.90
N GLU F 3 -23.55 41.68 6.50
CA GLU F 3 -23.61 41.40 7.94
C GLU F 3 -22.80 40.17 8.33
N LEU F 4 -22.77 39.14 7.49
CA LEU F 4 -22.02 37.94 7.86
C LEU F 4 -20.53 38.25 8.05
N TYR F 5 -19.94 39.08 7.18
CA TYR F 5 -18.55 39.48 7.37
C TYR F 5 -18.38 40.33 8.63
N ARG F 6 -19.27 41.30 8.84
CA ARG F 6 -19.15 42.21 9.99
C ARG F 6 -19.19 41.45 11.30
N GLN F 7 -20.19 40.57 11.47
CA GLN F 7 -20.30 39.78 12.69
C GLN F 7 -19.13 38.84 12.84
N SER F 8 -18.71 38.20 11.73
CA SER F 8 -17.55 37.30 11.78
C SER F 8 -16.30 38.05 12.19
N LEU F 9 -16.06 39.23 11.59
CA LEU F 9 -14.88 40.01 11.95
C LEU F 9 -14.97 40.47 13.40
N GLU F 10 -16.16 40.87 13.85
CA GLU F 10 -16.29 41.30 15.24
C GLU F 10 -15.95 40.18 16.21
N ILE F 11 -16.41 38.96 15.95
CA ILE F 11 -16.09 37.87 16.85
C ILE F 11 -14.60 37.55 16.82
N ILE F 12 -14.03 37.43 15.63
CA ILE F 12 -12.64 37.02 15.50
C ILE F 12 -11.70 38.15 15.92
N SER F 13 -12.03 39.40 15.56
CA SER F 13 -11.22 40.53 16.00
C SER F 13 -11.11 40.59 17.52
N ARG F 14 -12.22 40.50 18.24
CA ARG F 14 -12.13 40.70 19.69
C ARG F 14 -11.38 39.55 20.36
N TYR F 15 -11.61 38.33 19.91
CA TYR F 15 -10.95 37.20 20.53
C TYR F 15 -9.44 37.27 20.34
N LEU F 16 -9.00 37.64 19.14
CA LEU F 16 -7.56 37.75 18.94
C LEU F 16 -6.98 38.93 19.73
N ARG F 17 -7.72 40.03 19.81
CA ARG F 17 -7.21 41.20 20.52
C ARG F 17 -7.11 40.99 22.01
N GLU F 18 -8.18 40.48 22.66
CA GLU F 18 -8.16 40.27 24.10
C GLU F 18 -7.29 39.11 24.50
N GLN F 19 -7.00 38.17 23.59
CA GLN F 19 -6.04 37.11 23.92
C GLN F 19 -4.62 37.66 23.89
N ALA F 20 -4.33 38.59 22.98
CA ALA F 20 -3.01 39.19 22.93
C ALA F 20 -2.83 40.22 24.02
N THR F 21 -3.80 41.13 24.15
CA THR F 21 -3.74 42.20 25.14
C THR F 21 -4.06 41.69 26.55
N GLY F 22 -5.20 41.02 26.71
CA GLY F 22 -5.69 40.61 28.01
C GLY F 22 -7.02 41.23 28.39
N ALA F 23 -7.55 42.14 27.57
CA ALA F 23 -8.80 42.82 27.84
C ALA F 23 -9.97 41.87 28.06
N GLY F 33 -25.08 40.12 18.19
CA GLY F 33 -25.34 40.64 19.52
C GLY F 33 -25.27 39.56 20.59
N ALA F 34 -26.43 38.98 20.91
CA ALA F 34 -26.46 37.85 21.84
C ALA F 34 -25.63 36.68 21.32
N THR F 35 -25.83 36.32 20.04
CA THR F 35 -24.96 35.35 19.40
C THR F 35 -23.51 35.79 19.36
N SER F 36 -23.26 37.08 19.16
CA SER F 36 -21.88 37.51 19.10
C SER F 36 -21.19 37.32 20.44
N ARG F 37 -21.87 37.63 21.54
CA ARG F 37 -21.27 37.40 22.86
C ARG F 37 -21.17 35.91 23.17
N LYS F 38 -22.16 35.12 22.74
CA LYS F 38 -22.12 33.69 23.01
C LYS F 38 -21.10 32.97 22.13
N ALA F 39 -20.73 33.58 21.00
CA ALA F 39 -19.64 33.03 20.19
C ALA F 39 -18.28 33.30 20.82
N LEU F 40 -18.15 34.42 21.53
CA LEU F 40 -16.89 34.70 22.21
C LEU F 40 -16.69 33.77 23.41
N GLU F 41 -17.73 33.58 24.23
CA GLU F 41 -17.63 32.64 25.33
C GLU F 41 -17.33 31.23 24.84
N THR F 42 -17.90 30.85 23.69
CA THR F 42 -17.55 29.57 23.09
C THR F 42 -16.09 29.56 22.65
N LEU F 43 -15.63 30.65 22.02
CA LEU F 43 -14.26 30.73 21.57
C LEU F 43 -13.28 30.73 22.75
N ARG F 44 -13.66 31.36 23.86
CA ARG F 44 -12.76 31.37 25.01
C ARG F 44 -12.70 30.00 25.68
N ARG F 45 -13.80 29.26 25.66
CA ARG F 45 -13.79 27.92 26.24
C ARG F 45 -13.08 26.93 25.32
N VAL F 46 -13.52 26.84 24.06
CA VAL F 46 -12.96 25.86 23.15
C VAL F 46 -11.59 26.29 22.64
N GLY F 47 -11.45 27.56 22.25
CA GLY F 47 -10.20 28.01 21.65
C GLY F 47 -9.04 28.00 22.62
N ASP F 48 -9.29 28.35 23.88
CA ASP F 48 -8.23 28.29 24.87
C ASP F 48 -7.80 26.85 25.14
N GLY F 49 -8.77 25.92 25.12
CA GLY F 49 -8.41 24.52 25.27
C GLY F 49 -7.53 24.01 24.15
N VAL F 50 -7.85 24.39 22.90
CA VAL F 50 -7.02 23.99 21.76
C VAL F 50 -5.60 24.51 21.91
N GLN F 51 -5.45 25.78 22.31
CA GLN F 51 -4.12 26.36 22.44
C GLN F 51 -3.30 25.70 23.54
N ARG F 52 -3.94 25.30 24.63
CA ARG F 52 -3.19 24.66 25.72
C ARG F 52 -2.80 23.23 25.37
N ASN F 53 -3.73 22.47 24.80
CA ASN F 53 -3.51 21.05 24.52
C ASN F 53 -2.65 20.79 23.31
N HIS F 54 -2.38 21.82 22.51
CA HIS F 54 -1.54 21.69 21.34
C HIS F 54 -0.50 22.79 21.31
N GLU F 55 -0.08 23.25 22.49
CA GLU F 55 0.91 24.30 22.50
C GLU F 55 2.19 23.82 21.84
N THR F 56 2.59 22.57 22.10
CA THR F 56 3.81 22.04 21.49
C THR F 56 3.77 22.18 19.98
N ALA F 57 2.69 21.70 19.35
CA ALA F 57 2.58 21.80 17.88
C ALA F 57 2.46 23.24 17.41
N PHE F 58 1.66 24.06 18.10
CA PHE F 58 1.45 25.45 17.69
C PHE F 58 2.74 26.24 17.80
N GLN F 59 3.51 25.93 18.84
CA GLN F 59 4.79 26.58 19.15
C GLN F 59 5.76 26.38 17.99
N GLY F 60 5.83 25.14 17.49
CA GLY F 60 6.69 24.82 16.37
C GLY F 60 6.20 25.35 15.04
N MET F 61 4.88 25.30 14.82
CA MET F 61 4.33 25.88 13.60
C MET F 61 4.64 27.36 13.53
N LEU F 62 4.51 28.06 14.66
CA LEU F 62 4.77 29.49 14.70
C LEU F 62 6.24 29.79 14.40
N ARG F 63 7.16 28.97 14.94
CA ARG F 63 8.58 29.21 14.73
C ARG F 63 8.95 29.05 13.25
N LYS F 64 8.41 28.03 12.59
CA LYS F 64 8.81 27.81 11.20
C LYS F 64 8.01 28.64 10.21
N LEU F 65 6.84 29.14 10.60
CA LEU F 65 6.11 30.04 9.73
C LEU F 65 6.70 31.45 9.77
N ASP F 66 7.33 31.81 10.89
CA ASP F 66 8.03 33.07 11.06
C ASP F 66 7.16 34.27 10.64
N ILE F 67 6.10 34.49 11.41
CA ILE F 67 5.19 35.60 11.15
C ILE F 67 5.67 36.79 11.95
N LYS F 68 6.38 37.71 11.29
CA LYS F 68 7.00 38.85 11.94
C LYS F 68 6.39 40.18 11.55
N ASN F 69 5.98 40.37 10.30
CA ASN F 69 5.54 41.64 9.78
C ASN F 69 4.13 41.52 9.21
N GLU F 70 3.68 42.55 8.49
CA GLU F 70 2.30 42.56 8.01
C GLU F 70 2.11 41.74 6.74
N ASP F 71 3.14 41.61 5.91
CA ASP F 71 2.98 40.76 4.73
C ASP F 71 3.12 39.28 5.06
N ASP F 72 3.60 38.95 6.27
CA ASP F 72 3.60 37.58 6.73
C ASP F 72 2.23 37.14 7.24
N VAL F 73 1.30 38.08 7.38
CA VAL F 73 -0.01 37.76 7.93
C VAL F 73 -0.82 36.97 6.90
N LYS F 74 -0.59 37.25 5.63
CA LYS F 74 -1.18 36.48 4.53
C LYS F 74 -0.88 34.99 4.61
N SER F 75 0.16 34.58 5.35
CA SER F 75 0.54 33.17 5.39
C SER F 75 -0.50 32.30 6.10
N LEU F 76 -1.18 32.83 7.12
CA LEU F 76 -2.20 32.03 7.78
C LEU F 76 -3.42 31.81 6.89
N SER F 77 -3.68 32.73 5.95
CA SER F 77 -4.74 32.49 5.00
C SER F 77 -4.36 31.40 4.00
N ARG F 78 -3.07 31.32 3.62
CA ARG F 78 -2.65 30.23 2.75
C ARG F 78 -2.70 28.90 3.48
N VAL F 79 -2.40 28.89 4.78
CA VAL F 79 -2.55 27.67 5.58
C VAL F 79 -4.03 27.26 5.61
N MET F 80 -4.92 28.24 5.74
CA MET F 80 -6.36 27.96 5.74
C MET F 80 -6.78 27.28 4.44
N ILE F 81 -6.29 27.77 3.31
CA ILE F 81 -6.65 27.18 2.02
C ILE F 81 -6.17 25.73 1.94
N HIS F 82 -4.95 25.47 2.43
CA HIS F 82 -4.45 24.11 2.47
C HIS F 82 -5.28 23.22 3.39
N VAL F 83 -5.76 23.77 4.50
CA VAL F 83 -6.59 22.99 5.43
C VAL F 83 -7.85 22.49 4.73
N PHE F 84 -8.49 23.35 3.96
CA PHE F 84 -9.76 23.04 3.33
C PHE F 84 -9.61 22.38 1.96
N SER F 85 -8.38 22.15 1.49
CA SER F 85 -8.16 21.65 0.13
C SER F 85 -8.67 20.23 -0.08
N ASP F 86 -9.00 19.49 0.96
CA ASP F 86 -9.58 18.17 0.79
C ASP F 86 -11.09 18.21 0.61
N GLY F 87 -11.69 19.41 0.69
CA GLY F 87 -13.12 19.59 0.50
C GLY F 87 -13.96 19.48 1.75
N VAL F 88 -13.38 19.11 2.88
CA VAL F 88 -14.11 18.94 4.12
C VAL F 88 -14.16 20.27 4.88
N THR F 89 -15.35 20.64 5.33
CA THR F 89 -15.56 21.82 6.16
C THR F 89 -16.31 21.36 7.41
N ASN F 90 -15.78 21.72 8.59
CA ASN F 90 -16.52 21.51 9.83
C ASN F 90 -16.11 22.57 10.84
N TRP F 91 -16.86 22.66 11.94
CA TRP F 91 -16.61 23.70 12.94
C TRP F 91 -15.30 23.45 13.69
N GLY F 92 -14.90 22.18 13.85
CA GLY F 92 -13.66 21.89 14.54
C GLY F 92 -12.45 22.46 13.83
N ARG F 93 -12.43 22.37 12.51
CA ARG F 93 -11.34 22.96 11.74
C ARG F 93 -11.38 24.47 11.83
N ILE F 94 -12.58 25.05 11.75
CA ILE F 94 -12.74 26.51 11.81
C ILE F 94 -12.25 27.05 13.15
N VAL F 95 -12.69 26.43 14.26
CA VAL F 95 -12.27 26.91 15.57
C VAL F 95 -10.77 26.72 15.79
N THR F 96 -10.17 25.68 15.18
CA THR F 96 -8.73 25.46 15.35
C THR F 96 -7.94 26.54 14.63
N LEU F 97 -8.39 26.95 13.44
CA LEU F 97 -7.73 28.03 12.72
C LEU F 97 -7.82 29.34 13.49
N ILE F 98 -8.99 29.62 14.08
CA ILE F 98 -9.13 30.83 14.87
C ILE F 98 -8.26 30.76 16.12
N SER F 99 -8.11 29.56 16.69
CA SER F 99 -7.27 29.41 17.87
C SER F 99 -5.79 29.57 17.52
N PHE F 100 -5.38 29.11 16.32
CA PHE F 100 -4.02 29.40 15.90
C PHE F 100 -3.84 30.86 15.54
N GLY F 101 -4.90 31.51 15.04
CA GLY F 101 -4.83 32.94 14.82
C GLY F 101 -4.58 33.70 16.11
N ALA F 102 -5.25 33.29 17.19
CA ALA F 102 -4.99 33.91 18.49
C ALA F 102 -3.57 33.63 18.97
N PHE F 103 -3.06 32.42 18.70
CA PHE F 103 -1.70 32.07 19.09
C PHE F 103 -0.69 32.95 18.38
N VAL F 104 -0.93 33.25 17.10
CA VAL F 104 -0.04 34.15 16.37
C VAL F 104 -0.22 35.58 16.88
N ALA F 105 -1.44 35.97 17.23
CA ALA F 105 -1.68 37.33 17.70
C ALA F 105 -0.97 37.60 19.02
N LYS F 106 -0.96 36.62 19.93
CA LYS F 106 -0.22 36.78 21.17
C LYS F 106 1.26 36.98 20.89
N HIS F 107 1.81 36.20 19.95
CA HIS F 107 3.21 36.37 19.60
C HIS F 107 3.46 37.70 18.92
N LEU F 108 2.49 38.19 18.13
CA LEU F 108 2.68 39.47 17.44
C LEU F 108 2.76 40.61 18.44
N LYS F 109 2.03 40.51 19.56
CA LYS F 109 2.04 41.57 20.56
C LYS F 109 3.36 41.60 21.31
N THR F 110 3.87 40.44 21.74
CA THR F 110 5.12 40.39 22.49
C THR F 110 6.33 40.79 21.65
N ILE F 111 6.20 40.82 20.33
CA ILE F 111 7.25 41.38 19.48
C ILE F 111 6.88 42.79 19.05
N ASN F 112 5.98 43.43 19.78
CA ASN F 112 5.46 44.77 19.51
C ASN F 112 5.14 44.96 18.03
N GLN F 113 4.27 44.08 17.53
CA GLN F 113 3.68 44.22 16.20
C GLN F 113 2.17 44.13 16.32
N GLU F 114 1.62 44.80 17.32
CA GLU F 114 0.19 44.85 17.55
C GLU F 114 -0.56 45.43 16.36
N SER F 115 0.12 46.21 15.51
CA SER F 115 -0.54 46.78 14.34
C SER F 115 -1.05 45.70 13.40
N CYS F 116 -0.42 44.52 13.40
CA CYS F 116 -0.71 43.45 12.44
C CYS F 116 -1.85 42.56 12.87
N ILE F 117 -2.32 42.69 14.11
CA ILE F 117 -3.32 41.78 14.64
C ILE F 117 -4.64 41.97 13.91
N GLU F 118 -5.06 43.22 13.70
CA GLU F 118 -6.29 43.51 12.98
C GLU F 118 -6.20 43.09 11.51
N PRO F 119 -5.08 43.34 10.81
CA PRO F 119 -4.93 42.71 9.49
C PRO F 119 -4.99 41.20 9.53
N LEU F 120 -4.52 40.57 10.61
CA LEU F 120 -4.62 39.12 10.72
C LEU F 120 -6.07 38.68 10.88
N ALA F 121 -6.82 39.35 11.76
CA ALA F 121 -8.23 39.01 11.93
C ALA F 121 -9.02 39.24 10.65
N GLU F 122 -8.68 40.27 9.89
CA GLU F 122 -9.40 40.54 8.66
C GLU F 122 -9.10 39.49 7.61
N SER F 123 -7.87 38.98 7.58
CA SER F 123 -7.51 37.97 6.59
C SER F 123 -8.10 36.60 6.94
N ILE F 124 -8.18 36.28 8.23
CA ILE F 124 -8.85 35.05 8.66
C ILE F 124 -10.33 35.12 8.34
N THR F 125 -10.96 36.26 8.66
CA THR F 125 -12.39 36.43 8.42
C THR F 125 -12.71 36.43 6.93
N ASP F 126 -11.84 37.07 6.14
CA ASP F 126 -12.11 37.17 4.70
C ASP F 126 -12.12 35.80 4.06
N VAL F 127 -11.12 34.97 4.35
CA VAL F 127 -11.06 33.63 3.78
C VAL F 127 -12.25 32.81 4.24
N LEU F 128 -12.54 32.86 5.54
CA LEU F 128 -13.67 32.08 6.07
C LEU F 128 -14.98 32.48 5.39
N VAL F 129 -15.29 33.77 5.36
CA VAL F 129 -16.58 34.21 4.86
C VAL F 129 -16.66 34.08 3.33
N ARG F 130 -15.62 34.49 2.61
CA ARG F 130 -15.66 34.48 1.16
C ARG F 130 -15.67 33.05 0.61
N THR F 131 -14.79 32.19 1.13
CA THR F 131 -14.67 30.85 0.57
C THR F 131 -15.67 29.85 1.14
N LYS F 132 -16.35 30.17 2.24
CA LYS F 132 -17.29 29.22 2.85
C LYS F 132 -18.60 29.89 3.24
N ARG F 133 -18.98 30.95 2.53
CA ARG F 133 -20.21 31.69 2.84
C ARG F 133 -21.44 30.77 2.91
N ASP F 134 -21.70 30.02 1.83
CA ASP F 134 -22.92 29.23 1.79
C ASP F 134 -22.91 28.10 2.80
N TRP F 135 -21.74 27.52 3.09
CA TRP F 135 -21.65 26.55 4.16
C TRP F 135 -22.02 27.18 5.50
N LEU F 136 -21.45 28.35 5.79
CA LEU F 136 -21.78 29.05 7.03
C LEU F 136 -23.28 29.34 7.13
N VAL F 137 -23.88 29.81 6.03
CA VAL F 137 -25.32 30.12 6.06
C VAL F 137 -26.13 28.86 6.31
N LYS F 138 -25.74 27.74 5.67
CA LYS F 138 -26.50 26.51 5.84
C LYS F 138 -26.30 25.89 7.22
N GLN F 139 -25.18 26.19 7.87
CA GLN F 139 -24.93 25.74 9.23
C GLN F 139 -25.45 26.71 10.29
N ARG F 140 -26.31 27.66 9.89
CA ARG F 140 -26.91 28.64 10.78
C ARG F 140 -25.87 29.59 11.39
N GLY F 141 -24.82 29.89 10.64
CA GLY F 141 -23.83 30.88 11.03
C GLY F 141 -23.27 30.64 12.41
N TRP F 142 -23.03 31.74 13.14
CA TRP F 142 -22.45 31.65 14.47
C TRP F 142 -23.41 31.03 15.48
N ASP F 143 -24.71 31.00 15.17
CA ASP F 143 -25.65 30.28 16.03
C ASP F 143 -25.37 28.79 16.00
N GLY F 144 -25.04 28.24 14.82
CA GLY F 144 -24.68 26.84 14.74
C GLY F 144 -23.32 26.55 15.34
N PHE F 145 -22.38 27.49 15.21
CA PHE F 145 -21.09 27.35 15.85
C PHE F 145 -21.25 27.24 17.37
N VAL F 146 -22.08 28.11 17.94
CA VAL F 146 -22.36 28.05 19.37
C VAL F 146 -23.04 26.73 19.72
N GLU F 147 -24.01 26.32 18.89
CA GLU F 147 -24.76 25.10 19.20
C GLU F 147 -23.87 23.86 19.11
N PHE F 148 -22.94 23.81 18.17
CA PHE F 148 -22.09 22.64 18.03
C PHE F 148 -21.20 22.43 19.25
N PHE F 149 -20.73 23.52 19.86
CA PHE F 149 -19.83 23.49 21.00
C PHE F 149 -20.56 23.74 22.31
N HIS F 150 -21.85 23.43 22.36
CA HIS F 150 -22.68 23.68 23.53
C HIS F 150 -22.38 22.67 24.62
N VAL F 151 -21.85 23.17 25.75
CA VAL F 151 -21.82 22.41 26.98
C VAL F 151 -23.26 22.24 27.47
N SER F 152 -23.55 21.11 28.10
CA SER F 152 -24.86 20.94 28.70
C SER F 152 -24.74 20.45 30.14
N ASP G 2 -35.27 -1.49 -7.82
CA ASP G 2 -35.27 -1.72 -9.27
C ASP G 2 -34.27 -0.82 -9.95
N ALA G 3 -34.50 -0.63 -11.25
CA ALA G 3 -33.86 0.41 -12.01
C ALA G 3 -34.71 1.69 -12.03
N LYS G 4 -36.00 1.56 -11.69
CA LYS G 4 -36.86 2.73 -11.49
C LYS G 4 -36.31 3.64 -10.41
N LYS G 5 -35.63 3.05 -9.42
CA LYS G 5 -35.03 3.80 -8.33
C LYS G 5 -33.96 4.76 -8.83
N VAL G 6 -33.13 4.31 -9.77
CA VAL G 6 -32.07 5.16 -10.33
C VAL G 6 -32.68 6.39 -11.00
N ALA G 7 -33.78 6.20 -11.74
CA ALA G 7 -34.40 7.32 -12.43
C ALA G 7 -35.08 8.28 -11.45
N LYS G 8 -35.78 7.76 -10.44
CA LYS G 8 -36.44 8.62 -9.46
C LYS G 8 -35.42 9.41 -8.65
N LYS G 9 -34.34 8.75 -8.22
CA LYS G 9 -33.23 9.43 -7.57
C LYS G 9 -32.74 10.63 -8.40
N ALA G 10 -32.52 10.42 -9.70
CA ALA G 10 -32.07 11.52 -10.56
C ALA G 10 -33.14 12.60 -10.69
N ALA G 11 -34.42 12.20 -10.77
CA ALA G 11 -35.49 13.17 -10.89
C ALA G 11 -35.57 14.04 -9.64
N ILE G 12 -35.44 13.42 -8.47
CA ILE G 12 -35.53 14.18 -7.23
C ILE G 12 -34.33 15.12 -7.08
N GLN G 13 -33.13 14.63 -7.40
CA GLN G 13 -31.95 15.46 -7.26
C GLN G 13 -31.96 16.65 -8.20
N ALA G 14 -32.36 16.43 -9.46
CA ALA G 14 -32.43 17.53 -10.41
C ALA G 14 -33.42 18.58 -9.95
N ALA G 15 -34.56 18.14 -9.39
CA ALA G 15 -35.55 19.08 -8.89
C ALA G 15 -35.04 19.84 -7.67
N ARG G 16 -34.23 19.21 -6.81
CA ARG G 16 -33.70 19.95 -5.66
C ARG G 16 -32.63 20.96 -6.08
N ARG G 17 -31.82 20.66 -7.10
CA ARG G 17 -30.83 21.62 -7.57
C ARG G 17 -31.50 22.85 -8.19
N ILE G 18 -32.55 22.65 -8.97
CA ILE G 18 -33.26 23.77 -9.57
C ILE G 18 -34.00 24.56 -8.49
N THR G 19 -34.58 23.86 -7.51
CA THR G 19 -35.25 24.55 -6.41
C THR G 19 -34.25 25.37 -5.60
N GLU G 20 -33.06 24.83 -5.36
CA GLU G 20 -32.06 25.57 -4.60
C GLU G 20 -31.53 26.76 -5.41
N LEU G 21 -31.41 26.58 -6.73
CA LEU G 21 -31.00 27.67 -7.59
C LEU G 21 -32.03 28.80 -7.58
N ALA G 22 -33.31 28.45 -7.65
CA ALA G 22 -34.35 29.47 -7.57
C ALA G 22 -34.31 30.21 -6.23
N GLN G 23 -34.06 29.48 -5.14
CA GLN G 23 -34.04 30.13 -3.83
C GLN G 23 -32.85 31.07 -3.69
N VAL G 24 -31.69 30.70 -4.23
CA VAL G 24 -30.52 31.55 -4.11
C VAL G 24 -30.69 32.81 -4.96
N LEU G 25 -31.26 32.68 -6.15
CA LEU G 25 -31.50 33.84 -7.00
C LEU G 25 -32.49 34.80 -6.37
N VAL G 26 -33.50 34.25 -5.67
CA VAL G 26 -34.45 35.10 -4.97
C VAL G 26 -33.76 35.85 -3.84
N GLU G 27 -32.91 35.15 -3.07
CA GLU G 27 -32.24 35.79 -1.95
C GLU G 27 -31.23 36.82 -2.41
N LEU G 28 -30.57 36.58 -3.56
CA LEU G 28 -29.64 37.58 -4.07
C LEU G 28 -30.37 38.83 -4.53
N LEU G 29 -31.53 38.65 -5.16
CA LEU G 29 -32.29 39.81 -5.62
C LEU G 29 -32.84 40.63 -4.46
N LYS G 30 -33.40 39.95 -3.44
CA LYS G 30 -33.96 40.66 -2.30
C LYS G 30 -32.90 41.37 -1.46
N GLU G 31 -31.70 40.78 -1.34
CA GLU G 31 -30.63 41.48 -0.62
C GLU G 31 -30.12 42.66 -1.41
N ALA G 32 -30.11 42.56 -2.74
CA ALA G 32 -29.69 43.66 -3.60
C ALA G 32 -30.72 44.77 -3.68
N LEU G 33 -31.97 44.49 -3.31
CA LEU G 33 -33.03 45.50 -3.36
C LEU G 33 -33.08 46.33 -2.08
N LYS G 34 -32.65 45.74 -0.96
CA LYS G 34 -32.49 46.49 0.28
C LYS G 34 -31.29 47.41 0.25
N LEU G 35 -30.48 47.36 -0.80
CA LEU G 35 -29.21 48.07 -0.86
C LEU G 35 -29.31 49.26 -1.79
N ASP G 36 -28.40 50.20 -1.56
CA ASP G 36 -28.23 51.39 -2.37
C ASP G 36 -26.97 51.14 -3.21
N LEU G 37 -27.17 50.58 -4.40
CA LEU G 37 -26.11 49.86 -5.09
C LEU G 37 -25.14 50.80 -5.81
N THR G 38 -23.85 50.59 -5.55
CA THR G 38 -22.80 51.00 -6.46
C THR G 38 -22.62 49.90 -7.51
N GLN G 39 -21.70 50.12 -8.46
CA GLN G 39 -21.50 49.13 -9.51
C GLN G 39 -20.29 48.23 -9.22
N GLU G 40 -19.58 48.45 -8.11
CA GLU G 40 -18.76 47.38 -7.56
C GLU G 40 -19.65 46.36 -6.84
N MET G 41 -20.69 46.84 -6.15
CA MET G 41 -21.66 45.95 -5.52
C MET G 41 -22.45 45.18 -6.57
N ARG G 42 -22.82 45.85 -7.65
CA ARG G 42 -23.54 45.19 -8.74
C ARG G 42 -22.67 44.13 -9.40
N LYS G 43 -21.37 44.42 -9.55
CA LYS G 43 -20.46 43.45 -10.14
C LYS G 43 -20.36 42.19 -9.30
N LYS G 44 -20.30 42.35 -7.97
CA LYS G 44 -20.25 41.18 -7.09
C LYS G 44 -21.56 40.41 -7.13
N LEU G 45 -22.69 41.11 -7.21
CA LEU G 45 -23.95 40.43 -7.40
C LEU G 45 -23.96 39.64 -8.71
N ILE G 46 -23.30 40.15 -9.74
CA ILE G 46 -23.24 39.43 -11.01
C ILE G 46 -22.40 38.16 -10.87
N GLU G 47 -21.27 38.25 -10.18
CA GLU G 47 -20.44 37.07 -9.98
C GLU G 47 -21.14 36.03 -9.11
N ARG G 48 -21.93 36.49 -8.13
CA ARG G 48 -22.66 35.55 -7.30
C ARG G 48 -23.82 34.93 -8.07
N TYR G 49 -24.42 35.67 -8.99
CA TYR G 49 -25.42 35.10 -9.88
C TYR G 49 -24.80 34.06 -10.82
N ALA G 50 -23.64 34.38 -11.42
CA ALA G 50 -23.02 33.44 -12.35
C ALA G 50 -22.59 32.17 -11.64
N ALA G 51 -22.11 32.28 -10.41
CA ALA G 51 -21.72 31.10 -9.64
C ALA G 51 -22.92 30.22 -9.31
N ALA G 52 -24.05 30.84 -8.98
CA ALA G 52 -25.27 30.07 -8.70
C ALA G 52 -25.71 29.25 -9.91
N ILE G 53 -25.62 29.85 -11.11
CA ILE G 53 -25.98 29.13 -12.33
C ILE G 53 -25.01 27.99 -12.61
N ILE G 54 -23.71 28.27 -12.50
CA ILE G 54 -22.69 27.27 -12.78
C ILE G 54 -22.79 26.11 -11.79
N ARG G 55 -23.02 26.43 -10.51
CA ARG G 55 -23.17 25.40 -9.50
C ARG G 55 -24.35 24.49 -9.81
N ALA G 56 -25.49 25.09 -10.18
CA ALA G 56 -26.65 24.31 -10.56
C ALA G 56 -26.35 23.42 -11.76
N ILE G 57 -25.77 23.99 -12.80
CA ILE G 57 -25.46 23.21 -14.00
C ILE G 57 -24.50 22.07 -13.65
N GLY G 58 -23.46 22.37 -12.88
CA GLY G 58 -22.50 21.34 -12.52
C GLY G 58 -23.11 20.24 -11.66
N ASP G 59 -24.02 20.62 -10.76
CA ASP G 59 -24.63 19.63 -9.87
C ASP G 59 -25.68 18.79 -10.58
N ILE G 60 -26.39 19.38 -11.55
CA ILE G 60 -27.30 18.58 -12.37
C ILE G 60 -26.48 17.60 -13.22
N ASN G 61 -25.42 18.10 -13.86
CA ASN G 61 -24.53 17.26 -14.63
C ASN G 61 -23.96 16.13 -13.78
N ASN G 62 -23.54 16.44 -12.55
CA ASN G 62 -22.96 15.42 -11.67
C ASN G 62 -23.99 14.33 -11.35
N ALA G 63 -25.23 14.73 -11.07
CA ALA G 63 -26.25 13.76 -10.70
C ALA G 63 -26.59 12.84 -11.88
N ILE G 64 -26.64 13.38 -13.09
CA ILE G 64 -26.98 12.57 -14.25
C ILE G 64 -25.89 11.54 -14.54
N TYR G 65 -24.62 11.96 -14.46
CA TYR G 65 -23.54 11.02 -14.75
C TYR G 65 -23.39 9.96 -13.66
N GLN G 66 -23.62 10.32 -12.41
CA GLN G 66 -23.58 9.29 -11.36
C GLN G 66 -24.78 8.35 -11.49
N ALA G 67 -25.93 8.86 -11.95
CA ALA G 67 -27.07 7.98 -12.21
C ALA G 67 -26.80 7.06 -13.39
N LYS G 68 -26.11 7.58 -14.41
CA LYS G 68 -25.77 6.73 -15.55
C LYS G 68 -24.75 5.67 -15.13
N GLN G 69 -23.91 5.97 -14.14
CA GLN G 69 -22.97 4.97 -13.65
C GLN G 69 -23.72 3.86 -12.92
N GLU G 70 -24.65 4.23 -12.04
CA GLU G 70 -25.48 3.24 -11.37
C GLU G 70 -26.25 2.41 -12.38
N ALA G 71 -26.68 3.01 -13.49
CA ALA G 71 -27.37 2.25 -14.53
C ALA G 71 -26.47 1.15 -15.08
N GLU G 72 -25.25 1.52 -15.48
CA GLU G 72 -24.35 0.55 -16.09
C GLU G 72 -23.83 -0.47 -15.09
N LYS G 73 -23.88 -0.16 -13.79
CA LYS G 73 -23.62 -1.19 -12.79
C LYS G 73 -24.78 -2.16 -12.61
N LEU G 74 -25.99 -1.79 -13.01
CA LEU G 74 -27.10 -2.72 -12.91
C LEU G 74 -27.08 -3.75 -14.03
N LYS G 75 -26.61 -3.35 -15.20
CA LYS G 75 -26.47 -4.29 -16.32
C LYS G 75 -25.38 -5.29 -16.01
N LYS G 76 -24.31 -4.83 -15.42
CA LYS G 76 -23.13 -5.65 -15.20
C LYS G 76 -23.39 -6.69 -14.10
N ALA G 77 -24.37 -6.42 -13.22
CA ALA G 77 -24.88 -7.34 -12.19
C ALA G 77 -26.06 -8.16 -12.68
N GLY G 78 -26.48 -7.93 -13.92
CA GLY G 78 -27.59 -8.66 -14.50
C GLY G 78 -28.96 -8.29 -13.97
N LEU G 79 -29.14 -7.15 -13.29
CA LEU G 79 -30.49 -6.85 -12.81
C LEU G 79 -31.29 -6.07 -13.84
N VAL G 80 -30.72 -5.78 -15.00
CA VAL G 80 -31.41 -5.21 -16.16
C VAL G 80 -30.71 -5.63 -17.44
N ASP G 81 -31.51 -5.73 -18.51
CA ASP G 81 -31.05 -6.16 -19.82
C ASP G 81 -30.74 -4.96 -20.70
N SER G 82 -30.29 -5.25 -21.93
CA SER G 82 -29.81 -4.19 -22.81
C SER G 82 -30.92 -3.24 -23.22
N ASP G 83 -32.12 -3.75 -23.46
CA ASP G 83 -33.23 -2.87 -23.85
C ASP G 83 -33.70 -2.04 -22.67
N GLN G 84 -33.68 -2.61 -21.46
CA GLN G 84 -34.10 -1.87 -20.28
C GLN G 84 -33.12 -0.78 -19.91
N LEU G 85 -31.82 -1.06 -20.03
CA LEU G 85 -30.83 -0.03 -19.71
C LEU G 85 -30.86 1.07 -20.75
N ASP G 86 -31.14 0.72 -21.99
CA ASP G 86 -31.24 1.70 -23.06
C ASP G 86 -32.46 2.60 -22.88
N ALA G 87 -33.48 2.11 -22.17
CA ALA G 87 -34.62 2.95 -21.82
C ALA G 87 -34.34 3.83 -20.61
N LEU G 88 -33.57 3.31 -19.64
CA LEU G 88 -33.22 4.12 -18.48
C LEU G 88 -32.26 5.24 -18.86
N LEU G 89 -31.30 4.96 -19.75
CA LEU G 89 -30.37 6.01 -20.16
C LEU G 89 -31.08 7.09 -20.97
N ARG G 90 -32.09 6.73 -21.74
CA ARG G 90 -32.84 7.75 -22.47
C ARG G 90 -33.70 8.57 -21.52
N ALA G 91 -34.18 7.96 -20.43
CA ALA G 91 -34.92 8.73 -19.43
C ALA G 91 -33.99 9.67 -18.67
N LEU G 92 -32.76 9.24 -18.41
CA LEU G 92 -31.80 10.13 -17.76
C LEU G 92 -31.39 11.26 -18.69
N ASP G 93 -31.36 11.02 -20.00
CA ASP G 93 -31.07 12.08 -20.95
C ASP G 93 -32.23 13.05 -21.04
N GLU G 94 -33.46 12.56 -20.88
CA GLU G 94 -34.62 13.45 -20.88
C GLU G 94 -34.68 14.28 -19.61
N LEU G 95 -34.25 13.71 -18.48
CA LEU G 95 -34.12 14.51 -17.26
C LEU G 95 -33.10 15.62 -17.44
N GLN G 96 -31.95 15.29 -18.05
CA GLN G 96 -30.91 16.31 -18.27
C GLN G 96 -31.44 17.48 -19.09
N LYS G 97 -32.22 17.22 -20.14
CA LYS G 97 -32.63 18.34 -20.99
C LYS G 97 -33.67 19.21 -20.28
N VAL G 98 -34.65 18.61 -19.59
CA VAL G 98 -35.61 19.46 -18.87
C VAL G 98 -34.92 20.21 -17.74
N ALA G 99 -33.93 19.58 -17.10
CA ALA G 99 -33.22 20.27 -16.02
C ALA G 99 -32.32 21.38 -16.57
N SER G 100 -31.72 21.15 -17.74
CA SER G 100 -30.90 22.19 -18.37
C SER G 100 -31.75 23.37 -18.81
N LYS G 101 -32.96 23.12 -19.31
CA LYS G 101 -33.80 24.23 -19.75
C LYS G 101 -34.25 25.06 -18.55
N ALA G 102 -34.59 24.42 -17.43
CA ALA G 102 -34.93 25.18 -16.23
C ALA G 102 -33.78 26.08 -15.79
N ALA G 103 -32.54 25.59 -15.88
CA ALA G 103 -31.40 26.42 -15.51
C ALA G 103 -31.22 27.59 -16.45
N ASN G 104 -31.41 27.36 -17.76
CA ASN G 104 -31.33 28.45 -18.72
C ASN G 104 -32.43 29.49 -18.50
N GLN G 105 -33.64 29.05 -18.16
CA GLN G 105 -34.73 30.00 -17.97
C GLN G 105 -34.56 30.80 -16.70
N LEU G 106 -33.99 30.21 -15.65
CA LEU G 106 -33.74 30.96 -14.43
C LEU G 106 -32.61 31.95 -14.64
N GLY G 107 -31.59 31.57 -15.41
CA GLY G 107 -30.54 32.52 -15.76
C GLY G 107 -31.07 33.65 -16.61
N ARG G 108 -31.96 33.32 -17.57
CA ARG G 108 -32.63 34.35 -18.35
C ARG G 108 -33.52 35.22 -17.47
N LEU G 109 -34.18 34.60 -16.49
CA LEU G 109 -35.06 35.36 -15.61
C LEU G 109 -34.27 36.32 -14.74
N PHE G 110 -33.11 35.90 -14.24
CA PHE G 110 -32.30 36.80 -13.43
C PHE G 110 -31.76 37.96 -14.26
N GLU G 111 -31.46 37.71 -15.54
CA GLU G 111 -31.02 38.79 -16.41
C GLU G 111 -32.10 39.86 -16.50
N GLU G 112 -33.36 39.43 -16.66
CA GLU G 112 -34.46 40.40 -16.68
C GLU G 112 -34.60 41.10 -15.34
N ALA G 113 -34.28 40.41 -14.24
CA ALA G 113 -34.32 41.05 -12.93
C ALA G 113 -33.28 42.17 -12.81
N LEU G 114 -32.06 41.92 -13.28
CA LEU G 114 -31.04 42.95 -13.28
C LEU G 114 -31.47 44.16 -14.11
N LYS G 115 -32.18 43.92 -15.22
CA LYS G 115 -32.71 45.00 -16.02
C LYS G 115 -33.78 45.79 -15.27
N ARG G 116 -34.38 45.21 -14.24
CA ARG G 116 -35.25 45.98 -13.36
C ARG G 116 -34.50 46.55 -12.16
N LEU G 117 -33.34 45.98 -11.82
CA LEU G 117 -32.50 46.58 -10.78
C LEU G 117 -31.95 47.93 -11.20
N ASP G 118 -31.75 48.15 -12.50
CA ASP G 118 -31.21 49.42 -12.96
C ASP G 118 -32.27 50.38 -13.50
N LYS G 119 -33.47 49.89 -13.84
CA LYS G 119 -34.49 50.73 -14.46
C LYS G 119 -35.78 50.83 -13.65
N ASP G 120 -36.07 49.87 -12.78
CA ASP G 120 -37.30 49.85 -12.00
C ASP G 120 -36.97 49.70 -10.51
N ASN G 121 -36.14 50.61 -10.00
CA ASN G 121 -35.63 50.48 -8.64
C ASN G 121 -35.81 51.76 -7.84
N GLY G 122 -36.85 52.54 -8.11
CA GLY G 122 -37.08 53.76 -7.39
C GLY G 122 -38.28 53.73 -6.47
N GLY G 123 -38.07 53.40 -5.21
CA GLY G 123 -39.16 53.35 -4.27
C GLY G 123 -39.62 51.93 -3.99
N GLU G 124 -40.23 51.73 -2.82
CA GLU G 124 -40.53 50.38 -2.34
C GLU G 124 -41.53 49.67 -3.24
N GLU G 125 -42.44 50.40 -3.90
CA GLU G 125 -43.51 49.75 -4.62
C GLU G 125 -43.01 49.05 -5.88
N GLU G 126 -42.16 49.71 -6.66
CA GLU G 126 -41.52 49.04 -7.80
C GLU G 126 -40.66 47.87 -7.32
N LYS G 127 -39.90 48.08 -6.25
CA LYS G 127 -39.05 47.04 -5.68
C LYS G 127 -39.87 45.83 -5.25
N ASP G 128 -40.96 46.06 -4.53
CA ASP G 128 -41.79 44.94 -4.11
C ASP G 128 -42.48 44.27 -5.28
N ARG G 129 -42.84 45.02 -6.32
CA ARG G 129 -43.39 44.40 -7.53
C ARG G 129 -42.38 43.49 -8.21
N THR G 130 -41.11 43.95 -8.32
CA THR G 130 -40.08 43.15 -8.96
C THR G 130 -39.73 41.92 -8.14
N ALA G 131 -39.75 42.04 -6.82
CA ALA G 131 -39.47 40.88 -5.96
C ALA G 131 -40.57 39.84 -6.08
N LYS G 132 -41.84 40.26 -6.02
CA LYS G 132 -42.95 39.32 -6.18
C LYS G 132 -43.01 38.77 -7.60
N TRP G 133 -42.66 39.59 -8.60
CA TRP G 133 -42.64 39.08 -9.97
C TRP G 133 -41.60 37.98 -10.13
N PHE G 134 -40.40 38.18 -9.58
CA PHE G 134 -39.33 37.20 -9.74
C PHE G 134 -39.65 35.91 -8.99
N GLU G 135 -40.19 36.02 -7.77
CA GLU G 135 -40.54 34.82 -7.01
C GLU G 135 -41.57 33.96 -7.75
N PHE G 136 -42.58 34.59 -8.34
CA PHE G 136 -43.61 33.84 -9.05
C PHE G 136 -43.04 33.17 -10.29
N GLU G 137 -42.26 33.90 -11.08
CA GLU G 137 -41.69 33.35 -12.30
C GLU G 137 -40.65 32.28 -12.01
N ALA G 138 -39.91 32.41 -10.90
CA ALA G 138 -38.92 31.41 -10.56
C ALA G 138 -39.59 30.13 -10.09
N ARG G 139 -40.71 30.24 -9.35
CA ARG G 139 -41.47 29.07 -8.98
C ARG G 139 -42.13 28.41 -10.19
N ALA G 140 -42.56 29.21 -11.18
CA ALA G 140 -43.13 28.62 -12.38
C ALA G 140 -42.13 27.71 -13.07
N ILE G 141 -40.86 28.15 -13.15
CA ILE G 141 -39.82 27.32 -13.74
C ILE G 141 -39.62 26.05 -12.92
N GLU G 142 -39.58 26.17 -11.59
CA GLU G 142 -39.31 25.01 -10.76
C GLU G 142 -40.46 24.01 -10.80
N ILE G 143 -41.71 24.47 -10.76
CA ILE G 143 -42.82 23.54 -10.77
C ILE G 143 -42.95 22.86 -12.13
N ALA G 144 -42.66 23.58 -13.21
CA ALA G 144 -42.71 22.95 -14.52
C ALA G 144 -41.64 21.87 -14.63
N LEU G 145 -40.47 22.09 -14.02
CA LEU G 145 -39.44 21.06 -14.03
C LEU G 145 -39.83 19.87 -13.15
N ARG G 146 -40.40 20.14 -11.97
CA ARG G 146 -40.87 19.04 -11.13
C ARG G 146 -41.87 18.16 -11.88
N LEU G 147 -42.84 18.78 -12.54
CA LEU G 147 -43.83 18.01 -13.28
C LEU G 147 -43.20 17.31 -14.48
N ALA G 148 -42.25 17.97 -15.14
CA ALA G 148 -41.57 17.34 -16.26
C ALA G 148 -40.70 16.18 -15.80
N ALA G 149 -40.15 16.27 -14.59
CA ALA G 149 -39.33 15.17 -14.07
C ALA G 149 -40.21 13.99 -13.71
N ILE G 150 -41.37 14.24 -13.09
CA ILE G 150 -42.31 13.15 -12.82
C ILE G 150 -42.82 12.56 -14.12
N GLY G 151 -43.05 13.40 -15.13
CA GLY G 151 -43.50 12.89 -16.42
C GLY G 151 -42.47 12.01 -17.10
N ASP G 152 -41.18 12.30 -16.91
CA ASP G 152 -40.15 11.46 -17.52
C ASP G 152 -40.08 10.10 -16.84
N VAL G 153 -40.35 10.05 -15.53
CA VAL G 153 -40.41 8.77 -14.83
C VAL G 153 -41.64 7.99 -15.25
N PHE G 154 -42.76 8.68 -15.47
CA PHE G 154 -43.95 8.05 -16.03
C PHE G 154 -43.67 7.47 -17.40
N ASP G 155 -42.92 8.20 -18.23
CA ASP G 155 -42.53 7.66 -19.53
C ASP G 155 -41.61 6.47 -19.39
N LEU G 156 -40.77 6.43 -18.36
CA LEU G 156 -39.92 5.25 -18.20
C LEU G 156 -40.73 4.05 -17.73
N GLU G 157 -41.75 4.27 -16.90
CA GLU G 157 -42.57 3.16 -16.42
C GLU G 157 -43.34 2.52 -17.57
N LYS G 158 -43.99 3.35 -18.38
CA LYS G 158 -44.77 2.82 -19.50
C LYS G 158 -43.86 2.08 -20.46
N GLU G 159 -42.59 2.44 -20.53
CA GLU G 159 -41.83 1.92 -21.64
C GLU G 159 -41.16 0.62 -21.19
N TRP G 160 -41.12 0.42 -19.86
CA TRP G 160 -40.75 -0.85 -19.26
C TRP G 160 -41.89 -1.86 -19.40
N ARG G 161 -43.13 -1.39 -19.38
CA ARG G 161 -44.28 -2.27 -19.55
C ARG G 161 -44.51 -2.65 -21.00
N LYS G 162 -44.03 -1.82 -21.94
CA LYS G 162 -44.17 -2.16 -23.35
C LYS G 162 -43.09 -3.17 -23.78
N LEU G 163 -41.92 -3.08 -23.17
CA LEU G 163 -40.86 -4.05 -23.45
C LEU G 163 -41.26 -5.46 -23.00
N LYS G 164 -41.85 -5.57 -21.80
CA LYS G 164 -42.04 -6.91 -21.23
C LYS G 164 -43.10 -7.69 -21.99
N SER G 165 -44.11 -7.00 -22.51
CA SER G 165 -45.13 -7.65 -23.36
C SER G 165 -44.48 -8.13 -24.67
N ASP H 2 5.73 21.46 -9.83
CA ASP H 2 4.50 20.88 -9.30
C ASP H 2 3.77 20.12 -10.40
N GLU H 3 3.70 18.79 -10.27
CA GLU H 3 3.17 17.96 -11.35
C GLU H 3 1.67 18.16 -11.55
N LEU H 4 0.91 18.25 -10.47
CA LEU H 4 -0.54 18.40 -10.60
C LEU H 4 -0.91 19.69 -11.31
N TYR H 5 -0.23 20.79 -10.99
CA TYR H 5 -0.48 22.05 -11.67
C TYR H 5 -0.12 21.96 -13.15
N ARG H 6 1.03 21.35 -13.46
CA ARG H 6 1.47 21.27 -14.86
C ARG H 6 0.47 20.50 -15.72
N GLN H 7 0.09 19.30 -15.28
CA GLN H 7 -0.85 18.51 -16.06
C GLN H 7 -2.22 19.19 -16.15
N SER H 8 -2.68 19.76 -15.03
CA SER H 8 -3.96 20.48 -15.04
C SER H 8 -3.91 21.66 -15.99
N LEU H 9 -2.86 22.48 -15.91
CA LEU H 9 -2.73 23.60 -16.82
C LEU H 9 -2.57 23.12 -18.25
N GLU H 10 -1.83 22.05 -18.46
CA GLU H 10 -1.65 21.50 -19.79
C GLU H 10 -2.98 21.04 -20.37
N ILE H 11 -3.81 20.39 -19.56
CA ILE H 11 -5.13 19.97 -20.02
C ILE H 11 -6.04 21.17 -20.24
N ILE H 12 -6.08 22.09 -19.26
CA ILE H 12 -7.04 23.19 -19.33
C ILE H 12 -6.63 24.21 -20.39
N SER H 13 -5.35 24.56 -20.46
CA SER H 13 -4.87 25.47 -21.50
C SER H 13 -5.19 24.95 -22.90
N ARG H 14 -4.92 23.68 -23.17
CA ARG H 14 -5.10 23.18 -24.53
C ARG H 14 -6.57 23.12 -24.91
N TYR H 15 -7.45 22.79 -23.96
CA TYR H 15 -8.88 22.81 -24.27
C TYR H 15 -9.34 24.25 -24.55
N LEU H 16 -8.88 25.19 -23.74
CA LEU H 16 -9.32 26.58 -23.91
C LEU H 16 -8.75 27.20 -25.19
N ARG H 17 -7.47 26.94 -25.49
CA ARG H 17 -6.88 27.49 -26.70
C ARG H 17 -7.47 26.86 -27.95
N GLU H 18 -7.65 25.54 -27.93
CA GLU H 18 -8.21 24.85 -29.08
C GLU H 18 -9.67 25.22 -29.32
N GLN H 19 -10.40 25.57 -28.26
CA GLN H 19 -11.80 25.94 -28.43
C GLN H 19 -11.92 27.34 -29.03
N ALA H 20 -11.02 28.24 -28.68
CA ALA H 20 -11.05 29.58 -29.26
C ALA H 20 -10.50 29.58 -30.68
N THR H 21 -9.32 28.99 -30.88
CA THR H 21 -8.70 29.00 -32.21
C THR H 21 -9.39 28.01 -33.15
N GLY H 22 -9.51 26.76 -32.72
CA GLY H 22 -10.08 25.71 -33.56
C GLY H 22 -9.14 24.56 -33.87
N ALA H 23 -7.87 24.63 -33.49
CA ALA H 23 -6.92 23.56 -33.77
C ALA H 23 -6.84 22.59 -32.59
N ALA H 34 -0.57 10.26 -21.67
CA ALA H 34 -1.69 9.36 -21.93
C ALA H 34 -2.93 9.77 -21.13
N THR H 35 -2.75 10.03 -19.84
CA THR H 35 -3.87 10.50 -19.02
C THR H 35 -4.36 11.86 -19.48
N SER H 36 -3.42 12.73 -19.88
CA SER H 36 -3.80 14.06 -20.35
C SER H 36 -4.55 13.99 -21.67
N ARG H 37 -4.18 13.04 -22.53
CA ARG H 37 -4.89 12.86 -23.79
C ARG H 37 -6.35 12.48 -23.55
N LYS H 38 -6.60 11.53 -22.64
CA LYS H 38 -7.96 11.08 -22.39
C LYS H 38 -8.77 12.09 -21.59
N ALA H 39 -8.09 13.01 -20.88
CA ALA H 39 -8.82 14.09 -20.23
C ALA H 39 -9.27 15.14 -21.23
N LEU H 40 -8.50 15.37 -22.28
CA LEU H 40 -8.93 16.30 -23.32
C LEU H 40 -10.06 15.71 -24.14
N GLU H 41 -9.95 14.42 -24.46
CA GLU H 41 -11.06 13.69 -25.08
C GLU H 41 -12.35 13.86 -24.27
N THR H 42 -12.25 13.69 -22.94
CA THR H 42 -13.41 13.84 -22.09
C THR H 42 -13.90 15.29 -22.07
N LEU H 43 -12.98 16.25 -21.99
CA LEU H 43 -13.34 17.66 -21.96
C LEU H 43 -14.02 18.09 -23.25
N ARG H 44 -13.61 17.51 -24.40
CA ARG H 44 -14.23 17.85 -25.66
C ARG H 44 -15.63 17.27 -25.78
N ARG H 45 -15.85 16.08 -25.20
CA ARG H 45 -17.17 15.47 -25.26
C ARG H 45 -18.13 16.14 -24.29
N VAL H 46 -17.75 16.20 -23.01
CA VAL H 46 -18.64 16.72 -21.97
C VAL H 46 -18.70 18.24 -22.02
N GLY H 47 -17.54 18.90 -22.16
CA GLY H 47 -17.51 20.35 -22.10
C GLY H 47 -18.24 21.02 -23.25
N ASP H 48 -18.14 20.45 -24.45
CA ASP H 48 -18.86 21.01 -25.58
C ASP H 48 -20.37 20.84 -25.41
N GLY H 49 -20.80 19.70 -24.85
CA GLY H 49 -22.22 19.52 -24.57
C GLY H 49 -22.74 20.52 -23.56
N VAL H 50 -21.94 20.81 -22.53
CA VAL H 50 -22.34 21.78 -21.52
C VAL H 50 -22.56 23.16 -22.16
N GLN H 51 -21.65 23.56 -23.04
CA GLN H 51 -21.78 24.87 -23.68
C GLN H 51 -22.99 24.92 -24.61
N ARG H 52 -23.30 23.79 -25.27
CA ARG H 52 -24.43 23.77 -26.19
C ARG H 52 -25.75 23.75 -25.44
N ASN H 53 -25.85 22.93 -24.39
CA ASN H 53 -27.11 22.78 -23.66
C ASN H 53 -27.40 23.93 -22.73
N HIS H 54 -26.42 24.80 -22.51
CA HIS H 54 -26.60 25.97 -21.65
C HIS H 54 -26.09 27.21 -22.34
N GLU H 55 -26.21 27.24 -23.68
CA GLU H 55 -25.74 28.40 -24.43
C GLU H 55 -26.50 29.65 -24.00
N THR H 56 -27.79 29.51 -23.71
CA THR H 56 -28.57 30.64 -23.23
C THR H 56 -27.98 31.23 -21.94
N ALA H 57 -27.80 30.37 -20.92
CA ALA H 57 -27.27 30.82 -19.63
C ALA H 57 -25.83 31.28 -19.73
N PHE H 58 -25.00 30.56 -20.48
CA PHE H 58 -23.59 30.94 -20.60
C PHE H 58 -23.47 32.28 -21.30
N GLN H 59 -24.31 32.51 -22.31
CA GLN H 59 -24.29 33.74 -23.09
C GLN H 59 -24.73 34.95 -22.26
N GLY H 60 -25.74 34.78 -21.41
CA GLY H 60 -26.16 35.88 -20.54
C GLY H 60 -25.14 36.17 -19.45
N MET H 61 -24.53 35.13 -18.90
CA MET H 61 -23.52 35.31 -17.87
C MET H 61 -22.33 36.10 -18.40
N LEU H 62 -21.89 35.79 -19.62
CA LEU H 62 -20.75 36.46 -20.21
C LEU H 62 -21.04 37.94 -20.42
N ARG H 63 -22.28 38.28 -20.81
CA ARG H 63 -22.64 39.68 -21.03
C ARG H 63 -22.57 40.48 -19.74
N LYS H 64 -23.04 39.91 -18.63
CA LYS H 64 -23.11 40.67 -17.38
C LYS H 64 -21.79 40.67 -16.63
N LEU H 65 -20.91 39.71 -16.89
CA LEU H 65 -19.58 39.74 -16.28
C LEU H 65 -18.67 40.71 -17.01
N ASP H 66 -18.94 40.97 -18.28
CA ASP H 66 -18.21 41.94 -19.10
C ASP H 66 -16.70 41.76 -18.95
N ILE H 67 -16.24 40.61 -19.44
CA ILE H 67 -14.82 40.25 -19.41
C ILE H 67 -14.20 40.78 -20.70
N LYS H 68 -13.51 41.91 -20.60
CA LYS H 68 -12.98 42.64 -21.75
C LYS H 68 -11.47 42.59 -21.87
N ASN H 69 -10.75 42.72 -20.76
CA ASN H 69 -9.31 42.86 -20.72
C ASN H 69 -8.69 41.81 -19.80
N GLU H 70 -7.41 41.98 -19.51
CA GLU H 70 -6.70 41.05 -18.65
C GLU H 70 -7.01 41.33 -17.19
N ASP H 71 -7.50 42.52 -16.90
CA ASP H 71 -7.84 42.95 -15.57
C ASP H 71 -9.14 42.32 -15.11
N ASP H 72 -9.97 41.91 -16.08
CA ASP H 72 -11.23 41.19 -15.91
C ASP H 72 -11.09 39.68 -15.83
N VAL H 73 -9.92 39.12 -16.12
CA VAL H 73 -9.81 37.66 -16.19
C VAL H 73 -9.84 37.03 -14.82
N LYS H 74 -9.55 37.79 -13.77
CA LYS H 74 -9.69 37.28 -12.42
C LYS H 74 -11.15 37.17 -11.98
N SER H 75 -12.10 37.53 -12.85
CA SER H 75 -13.50 37.48 -12.43
C SER H 75 -14.01 36.06 -12.34
N LEU H 76 -13.59 35.18 -13.25
CA LEU H 76 -14.05 33.80 -13.18
C LEU H 76 -13.41 33.06 -12.02
N SER H 77 -12.23 33.47 -11.58
CA SER H 77 -11.67 32.86 -10.38
C SER H 77 -12.49 33.24 -9.16
N ARG H 78 -13.04 34.46 -9.13
CA ARG H 78 -13.97 34.82 -8.08
C ARG H 78 -15.28 34.06 -8.21
N VAL H 79 -15.70 33.79 -9.44
CA VAL H 79 -16.90 32.98 -9.66
C VAL H 79 -16.67 31.57 -9.13
N MET H 80 -15.48 31.01 -9.38
CA MET H 80 -15.18 29.67 -8.87
C MET H 80 -15.29 29.61 -7.35
N ILE H 81 -14.78 30.63 -6.67
CA ILE H 81 -14.80 30.64 -5.21
C ILE H 81 -16.24 30.66 -4.70
N HIS H 82 -17.11 31.46 -5.35
CA HIS H 82 -18.50 31.47 -4.93
C HIS H 82 -19.17 30.12 -5.17
N VAL H 83 -18.85 29.45 -6.28
CA VAL H 83 -19.45 28.15 -6.59
C VAL H 83 -19.19 27.14 -5.47
N PHE H 84 -17.96 27.13 -4.96
CA PHE H 84 -17.54 26.16 -3.96
C PHE H 84 -17.78 26.61 -2.52
N SER H 85 -18.38 27.80 -2.32
CA SER H 85 -18.53 28.31 -0.96
C SER H 85 -19.49 27.48 -0.12
N ASP H 86 -20.26 26.57 -0.72
CA ASP H 86 -21.13 25.71 0.07
C ASP H 86 -20.43 24.44 0.57
N GLY H 87 -19.15 24.25 0.23
CA GLY H 87 -18.39 23.10 0.70
C GLY H 87 -18.47 21.87 -0.19
N VAL H 88 -19.29 21.87 -1.23
CA VAL H 88 -19.46 20.72 -2.10
C VAL H 88 -18.43 20.79 -3.22
N THR H 89 -17.75 19.67 -3.47
CA THR H 89 -16.85 19.53 -4.60
C THR H 89 -17.23 18.26 -5.37
N ASN H 90 -17.42 18.41 -6.68
CA ASN H 90 -17.63 17.25 -7.52
C ASN H 90 -17.13 17.56 -8.93
N TRP H 91 -17.03 16.51 -9.76
CA TRP H 91 -16.50 16.67 -11.11
C TRP H 91 -17.43 17.44 -12.01
N GLY H 92 -18.74 17.36 -11.78
CA GLY H 92 -19.68 18.10 -12.61
C GLY H 92 -19.49 19.60 -12.52
N ARG H 93 -19.20 20.09 -11.32
CA ARG H 93 -18.93 21.53 -11.15
C ARG H 93 -17.62 21.91 -11.82
N ILE H 94 -16.59 21.08 -11.67
CA ILE H 94 -15.28 21.37 -12.27
C ILE H 94 -15.37 21.40 -13.79
N VAL H 95 -16.01 20.40 -14.40
CA VAL H 95 -16.12 20.39 -15.86
C VAL H 95 -16.97 21.56 -16.35
N THR H 96 -17.93 22.02 -15.54
CA THR H 96 -18.75 23.16 -15.95
C THR H 96 -17.96 24.46 -15.88
N LEU H 97 -17.09 24.61 -14.89
CA LEU H 97 -16.25 25.79 -14.81
C LEU H 97 -15.25 25.84 -15.96
N ILE H 98 -14.67 24.70 -16.31
CA ILE H 98 -13.75 24.67 -17.43
C ILE H 98 -14.49 24.94 -18.74
N SER H 99 -15.73 24.47 -18.86
CA SER H 99 -16.50 24.73 -20.08
C SER H 99 -16.90 26.19 -20.18
N PHE H 100 -17.20 26.84 -19.05
CA PHE H 100 -17.43 28.28 -19.13
C PHE H 100 -16.13 29.02 -19.37
N GLY H 101 -15.01 28.49 -18.88
CA GLY H 101 -13.72 29.05 -19.22
C GLY H 101 -13.46 29.00 -20.72
N ALA H 102 -13.84 27.89 -21.35
CA ALA H 102 -13.74 27.80 -22.80
C ALA H 102 -14.69 28.78 -23.48
N PHE H 103 -15.89 28.97 -22.92
CA PHE H 103 -16.84 29.91 -23.49
C PHE H 103 -16.31 31.34 -23.44
N VAL H 104 -15.63 31.69 -22.35
CA VAL H 104 -15.03 33.02 -22.25
C VAL H 104 -13.85 33.15 -23.20
N ALA H 105 -13.09 32.07 -23.41
CA ALA H 105 -11.93 32.13 -24.27
C ALA H 105 -12.32 32.36 -25.72
N LYS H 106 -13.40 31.72 -26.18
CA LYS H 106 -13.88 31.97 -27.54
C LYS H 106 -14.27 33.43 -27.73
N HIS H 107 -14.91 34.02 -26.72
CA HIS H 107 -15.30 35.42 -26.80
C HIS H 107 -14.08 36.33 -26.81
N LEU H 108 -13.01 35.95 -26.12
CA LEU H 108 -11.82 36.79 -26.04
C LEU H 108 -11.14 36.94 -27.41
N LYS H 109 -11.10 35.87 -28.22
CA LYS H 109 -10.49 35.99 -29.54
C LYS H 109 -11.36 36.79 -30.50
N THR H 110 -12.69 36.73 -30.33
CA THR H 110 -13.58 37.53 -31.16
C THR H 110 -13.42 39.01 -30.89
N ILE H 111 -12.85 39.37 -29.74
CA ILE H 111 -12.52 40.75 -29.44
C ILE H 111 -11.01 41.01 -29.52
N ASN H 112 -10.28 40.12 -30.19
CA ASN H 112 -8.82 40.17 -30.28
C ASN H 112 -8.15 40.54 -28.95
N GLN H 113 -8.49 39.79 -27.90
CA GLN H 113 -7.74 39.82 -26.65
C GLN H 113 -7.38 38.41 -26.23
N GLU H 114 -6.99 37.61 -27.23
CA GLU H 114 -6.34 36.32 -27.03
C GLU H 114 -5.13 36.43 -26.11
N SER H 115 -4.53 37.62 -26.01
CA SER H 115 -3.61 37.92 -24.91
C SER H 115 -4.08 37.36 -23.58
N CYS H 116 -5.40 37.29 -23.38
CA CYS H 116 -5.98 36.96 -22.09
C CYS H 116 -6.25 35.46 -21.89
N ILE H 117 -6.17 34.64 -22.95
CA ILE H 117 -6.66 33.27 -22.87
C ILE H 117 -5.78 32.44 -21.93
N GLU H 118 -4.47 32.50 -22.09
CA GLU H 118 -3.57 31.75 -21.21
C GLU H 118 -3.62 32.26 -19.77
N PRO H 119 -3.65 33.58 -19.52
CA PRO H 119 -3.89 34.03 -18.14
C PRO H 119 -5.19 33.51 -17.56
N LEU H 120 -6.22 33.32 -18.39
CA LEU H 120 -7.47 32.73 -17.90
C LEU H 120 -7.26 31.27 -17.50
N ALA H 121 -6.57 30.51 -18.35
CA ALA H 121 -6.29 29.12 -18.04
C ALA H 121 -5.44 28.98 -16.78
N GLU H 122 -4.52 29.93 -16.56
CA GLU H 122 -3.70 29.88 -15.36
C GLU H 122 -4.52 30.21 -14.12
N SER H 123 -5.48 31.13 -14.24
CA SER H 123 -6.29 31.50 -13.09
C SER H 123 -7.28 30.39 -12.74
N ILE H 124 -7.82 29.72 -13.76
CA ILE H 124 -8.69 28.57 -13.51
C ILE H 124 -7.89 27.43 -12.89
N THR H 125 -6.70 27.15 -13.42
CA THR H 125 -5.91 26.05 -12.89
C THR H 125 -5.41 26.36 -11.47
N ASP H 126 -5.04 27.61 -11.22
CA ASP H 126 -4.51 27.97 -9.90
C ASP H 126 -5.55 27.76 -8.82
N VAL H 127 -6.76 28.27 -9.03
CA VAL H 127 -7.82 28.13 -8.03
C VAL H 127 -8.18 26.65 -7.86
N LEU H 128 -8.30 25.93 -8.98
CA LEU H 128 -8.63 24.51 -8.93
C LEU H 128 -7.60 23.73 -8.13
N VAL H 129 -6.31 23.88 -8.47
CA VAL H 129 -5.29 23.06 -7.82
C VAL H 129 -5.02 23.54 -6.41
N ARG H 130 -4.94 24.87 -6.21
CA ARG H 130 -4.59 25.40 -4.89
C ARG H 130 -5.67 25.12 -3.87
N THR H 131 -6.94 25.41 -4.21
CA THR H 131 -8.00 25.31 -3.20
C THR H 131 -8.54 23.89 -3.02
N LYS H 132 -8.26 22.97 -3.96
CA LYS H 132 -8.81 21.63 -3.79
C LYS H 132 -7.79 20.54 -4.15
N ARG H 133 -6.50 20.80 -3.92
CA ARG H 133 -5.44 19.83 -4.23
C ARG H 133 -5.72 18.46 -3.63
N ASP H 134 -5.94 18.40 -2.32
CA ASP H 134 -6.07 17.10 -1.67
C ASP H 134 -7.33 16.37 -2.12
N TRP H 135 -8.41 17.10 -2.45
CA TRP H 135 -9.59 16.46 -3.02
C TRP H 135 -9.25 15.82 -4.36
N LEU H 136 -8.55 16.57 -5.22
CA LEU H 136 -8.15 16.02 -6.51
C LEU H 136 -7.31 14.76 -6.34
N VAL H 137 -6.40 14.72 -5.35
CA VAL H 137 -5.52 13.55 -5.18
C VAL H 137 -6.31 12.31 -4.78
N LYS H 138 -7.28 12.47 -3.86
CA LYS H 138 -8.18 11.39 -3.41
C LYS H 138 -9.18 10.98 -4.49
N GLN H 139 -9.49 11.85 -5.45
CA GLN H 139 -10.31 11.45 -6.60
C GLN H 139 -9.48 10.89 -7.74
N ARG H 140 -8.22 10.58 -7.46
CA ARG H 140 -7.29 9.99 -8.41
C ARG H 140 -7.02 10.95 -9.57
N GLY H 141 -7.03 12.24 -9.27
CA GLY H 141 -6.65 13.27 -10.24
C GLY H 141 -7.44 13.18 -11.54
N TRP H 142 -6.75 13.44 -12.64
CA TRP H 142 -7.41 13.44 -13.95
C TRP H 142 -7.81 12.04 -14.39
N ASP H 143 -7.21 11.00 -13.81
CA ASP H 143 -7.67 9.65 -14.09
C ASP H 143 -9.08 9.42 -13.53
N GLY H 144 -9.36 9.99 -12.35
CA GLY H 144 -10.72 9.93 -11.84
C GLY H 144 -11.68 10.81 -12.60
N PHE H 145 -11.20 11.95 -13.10
CA PHE H 145 -12.00 12.79 -13.99
C PHE H 145 -12.40 12.03 -15.24
N VAL H 146 -11.45 11.30 -15.83
CA VAL H 146 -11.74 10.46 -16.99
C VAL H 146 -12.71 9.34 -16.63
N GLU H 147 -12.48 8.68 -15.48
CA GLU H 147 -13.34 7.57 -15.08
C GLU H 147 -14.76 8.02 -14.79
N PHE H 148 -14.92 9.21 -14.21
CA PHE H 148 -16.27 9.68 -13.86
C PHE H 148 -17.11 9.92 -15.11
N PHE H 149 -16.50 10.44 -16.18
CA PHE H 149 -17.25 10.82 -17.37
C PHE H 149 -17.13 9.78 -18.49
N HIS H 150 -16.70 8.56 -18.17
CA HIS H 150 -16.57 7.51 -19.19
C HIS H 150 -17.90 6.83 -19.50
#